data_9M30
#
_entry.id   9M30
#
_cell.length_a   1.00
_cell.length_b   1.00
_cell.length_c   1.00
_cell.angle_alpha   90.00
_cell.angle_beta   90.00
_cell.angle_gamma   90.00
#
_symmetry.space_group_name_H-M   'P 1'
#
loop_
_entity.id
_entity.type
_entity.pdbx_description
1 polymer DjCas13d
2 polymer 'RNA (52-MER)'
3 non-polymer 'MAGNESIUM ION'
#
loop_
_entity_poly.entity_id
_entity_poly.type
_entity_poly.pdbx_seq_one_letter_code
_entity_poly.pdbx_strand_id
1 'polypeptide(L)'
;MKKQKSKKTVSKTSGLKEALSVQGTVIMTSFGKGNMANLSYKIPSSQKPQNLNSSAGLKNVEVSGKKIKFQGRHPKIATT
DNPLFKPQPGMDLLCLKDKLEMHYFGKTFDDNIHIQLIYQILDIEKILAVHVNNIVFTLDNVLHPQKEELTEDFIGAGGW
RINLDYQTLRGQTNKYDRFKNYIKRKELLYFGEAFYHENERRYEEDIFAILTLLSALAQFCFASDLSSDESDHVNSFWLY
QLEDQLSDEFKETLSILWEEVTERIDSEFLKTNTVNLHILCHVFPKESKETIVRAYYEFLIKKSFKNMGFSIKKLREIML
EQSDLKSFKEDKYNSVRAKLYKLFDFIITYYYDHHAFEKEALVSSLRSSLTEENKEEIYIKTARTLASALGADFKKAAAD
VNAKNIRDYQKKANDYRISFEDIKIGNTGIGYFSELIYMLTLLLDGKEINDLLTTLINKFDNIISFIDILKKLNLEFKFK
PEYADFFNMTNCRYTLEELRVINSIARMQKPSADARKIMYRDALRILGMDNRPDEEIDRELERTMPVGADGKFIKGKQGF
RNFIASNVIESSRFHYLVRYNNPHKTRTLVKNPNVVKFVLEGIPETQIKRYFDVCKGQEIPPTSDKSAQIDVLARIISSV
DYKIFEDVPQSAKINKDDPSRNFSDALKKQRYQAIVSLYLTVMYLITKNLVYVNSRYVIAFHCLERDAFLHGVTLPKMNK
KIVYSQLTTHLLTDKNYTTYGHLKNQKGHRKWYVLVKNNLQNSDITAVSSFANIVAAISVVRNSNEYISGIGELHSYFEL
YHYLVQSMIAKNNWYDTSHQPKTAEYLNNLKKHHTYCKDFVKAYCIPFGYVVPRYKNLTINELFDRNNPNPEPKEEV
;
A
2 'polyribonucleotide' CAACCCCGUAAAAAUACGGGGUUCUGAAACGCCAACGAACAUCAUGACAGCG B
#
# COMPACT_ATOMS: atom_id res chain seq x y z
N GLN A 4 -21.27 10.80 -16.89
CA GLN A 4 -20.73 10.53 -15.56
C GLN A 4 -20.54 11.82 -14.78
N LYS A 5 -20.66 11.72 -13.45
N LYS A 5 -20.66 11.72 -13.46
CA LYS A 5 -20.51 12.85 -12.56
CA LYS A 5 -20.51 12.85 -12.56
C LYS A 5 -19.27 12.65 -11.69
C LYS A 5 -19.27 12.65 -11.69
N SER A 6 -18.47 13.72 -11.56
CA SER A 6 -17.24 13.67 -10.79
C SER A 6 -17.39 14.49 -9.51
N LYS A 7 -16.72 14.03 -8.46
CA LYS A 7 -16.74 14.72 -7.18
C LYS A 7 -16.00 16.06 -7.23
N LYS A 8 -15.25 16.33 -8.28
CA LYS A 8 -14.63 17.62 -8.50
C LYS A 8 -15.69 18.59 -9.04
N THR A 9 -16.55 19.02 -8.12
CA THR A 9 -17.73 19.81 -8.48
C THR A 9 -17.37 21.29 -8.64
N VAL A 10 -18.37 22.08 -9.02
CA VAL A 10 -18.17 23.51 -9.23
C VAL A 10 -17.91 24.22 -7.90
N SER A 11 -18.64 23.84 -6.86
CA SER A 11 -18.46 24.48 -5.56
C SER A 11 -17.06 24.20 -5.00
N LYS A 12 -16.58 22.96 -5.12
CA LYS A 12 -15.25 22.64 -4.64
C LYS A 12 -14.17 23.35 -5.45
N THR A 13 -14.43 23.61 -6.73
CA THR A 13 -13.45 24.33 -7.56
C THR A 13 -13.43 25.81 -7.22
N SER A 14 -14.60 26.41 -6.99
CA SER A 14 -14.67 27.86 -6.77
C SER A 14 -14.05 28.29 -5.45
N GLY A 15 -13.85 27.37 -4.51
CA GLY A 15 -13.14 27.72 -3.30
C GLY A 15 -13.66 27.11 -2.01
N LEU A 16 -14.91 26.66 -2.01
CA LEU A 16 -15.49 26.14 -0.78
C LEU A 16 -14.83 24.84 -0.36
N LYS A 17 -14.55 24.72 0.94
CA LYS A 17 -13.94 23.53 1.51
C LYS A 17 -14.90 22.76 2.41
N GLU A 18 -15.61 23.46 3.30
CA GLU A 18 -16.52 22.83 4.25
C GLU A 18 -17.71 23.75 4.50
N ALA A 19 -18.80 23.16 4.97
CA ALA A 19 -20.00 23.91 5.37
C ALA A 19 -20.53 23.27 6.65
N LEU A 20 -20.33 23.93 7.77
CA LEU A 20 -20.57 23.36 9.09
C LEU A 20 -21.83 23.96 9.71
N SER A 21 -22.49 23.15 10.54
CA SER A 21 -23.64 23.60 11.31
C SER A 21 -23.27 23.58 12.79
N VAL A 22 -23.43 24.72 13.46
CA VAL A 22 -23.12 24.84 14.88
C VAL A 22 -24.26 25.58 15.56
N GLN A 23 -25.02 24.86 16.39
CA GLN A 23 -26.00 25.46 17.29
C GLN A 23 -26.96 26.41 16.57
N GLY A 24 -27.34 26.05 15.35
CA GLY A 24 -28.30 26.81 14.59
C GLY A 24 -27.73 27.76 13.55
N THR A 25 -26.43 28.05 13.60
CA THR A 25 -25.78 28.89 12.62
C THR A 25 -24.98 28.03 11.65
N VAL A 26 -24.66 28.61 10.49
CA VAL A 26 -23.89 27.88 9.48
C VAL A 26 -22.60 28.65 9.20
N ILE A 27 -21.49 27.91 9.14
CA ILE A 27 -20.16 28.48 9.02
C ILE A 27 -19.49 27.92 7.76
N MET A 28 -18.93 28.81 6.96
CA MET A 28 -18.28 28.45 5.71
C MET A 28 -16.80 28.77 5.79
N THR A 29 -15.96 27.79 5.45
CA THR A 29 -14.51 27.88 5.50
C THR A 29 -13.93 27.87 4.09
N SER A 30 -12.61 27.90 4.01
CA SER A 30 -11.91 27.95 2.74
C SER A 30 -10.52 27.34 2.89
N PHE A 31 -9.87 27.07 1.76
CA PHE A 31 -8.59 26.40 1.76
C PHE A 31 -7.50 27.30 2.33
N GLY A 32 -6.58 26.70 3.07
CA GLY A 32 -5.49 27.43 3.67
C GLY A 32 -4.13 27.01 3.18
N LYS A 33 -3.15 26.91 4.07
CA LYS A 33 -1.79 26.52 3.73
C LYS A 33 -1.62 25.04 4.06
N GLY A 34 -1.56 24.21 3.03
CA GLY A 34 -1.48 22.77 3.23
C GLY A 34 -2.84 22.14 3.39
N ASN A 35 -3.23 21.84 4.63
CA ASN A 35 -4.55 21.30 4.91
C ASN A 35 -5.30 22.07 5.98
N MET A 36 -4.73 23.15 6.52
CA MET A 36 -5.45 23.97 7.48
C MET A 36 -6.60 24.69 6.81
N ALA A 37 -7.66 24.92 7.58
CA ALA A 37 -8.86 25.59 7.10
C ALA A 37 -9.03 26.91 7.85
N ASN A 38 -9.32 27.97 7.11
CA ASN A 38 -9.58 29.28 7.71
C ASN A 38 -11.06 29.63 7.58
N LEU A 39 -11.57 30.33 8.59
CA LEU A 39 -12.98 30.72 8.61
C LEU A 39 -13.22 31.88 7.66
N SER A 40 -14.31 31.81 6.92
CA SER A 40 -14.66 32.84 5.95
C SER A 40 -15.98 33.53 6.25
N TYR A 41 -17.06 32.78 6.42
CA TYR A 41 -18.39 33.39 6.55
C TYR A 41 -19.20 32.70 7.62
N LYS A 42 -20.16 33.45 8.17
CA LYS A 42 -21.12 32.92 9.13
C LYS A 42 -22.50 33.49 8.83
N ILE A 43 -23.48 32.60 8.70
CA ILE A 43 -24.89 32.98 8.60
C ILE A 43 -25.56 32.61 9.93
N PRO A 44 -26.01 33.58 10.71
CA PRO A 44 -26.61 33.30 12.01
C PRO A 44 -28.10 33.02 11.87
N SER A 45 -28.74 32.82 13.02
CA SER A 45 -30.12 32.38 13.07
C SER A 45 -31.09 33.52 12.84
N SER A 46 -32.26 33.18 12.29
CA SER A 46 -33.40 34.08 12.17
C SER A 46 -33.12 35.28 11.28
N GLN A 47 -32.29 36.21 11.76
CA GLN A 47 -32.03 37.43 11.00
C GLN A 47 -31.33 37.14 9.69
N LYS A 48 -30.33 36.25 9.73
CA LYS A 48 -29.51 35.87 8.58
C LYS A 48 -28.95 37.07 7.82
N PRO A 49 -28.15 37.95 8.46
CA PRO A 49 -27.54 39.04 7.70
C PRO A 49 -26.40 38.61 6.80
N GLN A 50 -26.00 37.34 6.84
CA GLN A 50 -24.82 36.84 6.12
C GLN A 50 -23.56 37.57 6.58
N ASN A 51 -23.20 37.34 7.84
CA ASN A 51 -22.06 37.97 8.47
C ASN A 51 -20.75 37.54 7.80
N LEU A 52 -19.72 38.35 7.98
CA LEU A 52 -18.39 38.11 7.44
C LEU A 52 -17.39 37.99 8.59
N ASN A 53 -16.39 37.13 8.41
CA ASN A 53 -15.37 36.89 9.42
C ASN A 53 -13.99 37.36 9.01
N SER A 54 -13.59 37.14 7.76
CA SER A 54 -12.29 37.57 7.26
C SER A 54 -12.40 37.72 5.75
N SER A 55 -11.36 38.28 5.16
CA SER A 55 -11.35 38.45 3.70
C SER A 55 -11.42 37.10 3.00
N ALA A 56 -10.52 36.18 3.36
CA ALA A 56 -10.51 34.79 2.87
C ALA A 56 -10.59 34.81 1.34
N GLY A 57 -11.47 34.02 0.72
CA GLY A 57 -11.62 34.02 -0.72
C GLY A 57 -13.07 34.09 -1.16
N LEU A 58 -13.99 33.95 -0.22
CA LEU A 58 -15.41 33.94 -0.55
C LEU A 58 -15.94 35.37 -0.62
N LYS A 59 -16.97 35.56 -1.45
CA LYS A 59 -17.51 36.89 -1.71
C LYS A 59 -18.95 36.75 -2.20
N ASN A 60 -19.80 37.70 -1.81
CA ASN A 60 -21.19 37.80 -2.26
C ASN A 60 -21.98 36.54 -1.92
N VAL A 61 -22.13 36.29 -0.61
CA VAL A 61 -22.83 35.12 -0.10
C VAL A 61 -24.27 35.52 0.23
N GLU A 62 -25.23 34.79 -0.33
CA GLU A 62 -26.64 35.06 -0.07
C GLU A 62 -27.41 33.76 0.11
N VAL A 63 -28.60 33.89 0.68
CA VAL A 63 -29.45 32.76 1.04
C VAL A 63 -30.69 32.81 0.14
N SER A 64 -30.94 31.72 -0.59
CA SER A 64 -32.08 31.64 -1.49
C SER A 64 -32.78 30.31 -1.25
N GLY A 65 -33.96 30.36 -0.63
CA GLY A 65 -34.66 29.12 -0.31
C GLY A 65 -33.84 28.27 0.63
N LYS A 66 -33.65 27.02 0.24
CA LYS A 66 -32.79 26.09 0.97
C LYS A 66 -31.40 25.99 0.36
N LYS A 67 -30.93 27.07 -0.27
CA LYS A 67 -29.66 27.06 -0.98
C LYS A 67 -28.81 28.25 -0.57
N ILE A 68 -27.50 28.05 -0.60
CA ILE A 68 -26.52 29.10 -0.37
C ILE A 68 -25.84 29.41 -1.70
N LYS A 69 -25.87 30.68 -2.09
CA LYS A 69 -25.42 31.12 -3.41
C LYS A 69 -24.27 32.09 -3.21
N PHE A 70 -23.07 31.70 -3.66
CA PHE A 70 -21.86 32.47 -3.38
C PHE A 70 -21.00 32.54 -4.64
N GLN A 71 -19.83 33.15 -4.50
CA GLN A 71 -18.95 33.43 -5.62
C GLN A 71 -17.52 33.55 -5.13
N GLY A 72 -16.59 32.96 -5.88
CA GLY A 72 -15.17 33.00 -5.55
C GLY A 72 -14.46 34.14 -6.24
N ARG A 73 -13.14 33.99 -6.35
CA ARG A 73 -12.34 35.04 -6.98
C ARG A 73 -12.65 35.15 -8.46
N HIS A 74 -12.91 34.03 -9.13
CA HIS A 74 -13.28 34.03 -10.53
C HIS A 74 -14.73 34.46 -10.70
N PRO A 75 -15.07 35.08 -11.83
CA PRO A 75 -16.47 35.50 -12.04
C PRO A 75 -17.36 34.33 -12.42
N LYS A 76 -18.16 33.88 -11.45
CA LYS A 76 -19.04 32.72 -11.62
C LYS A 76 -19.90 32.55 -10.37
N ILE A 77 -21.06 31.93 -10.51
CA ILE A 77 -21.97 31.72 -9.40
C ILE A 77 -21.93 30.25 -9.00
N ALA A 78 -21.68 29.99 -7.72
CA ALA A 78 -21.65 28.65 -7.17
C ALA A 78 -22.81 28.47 -6.21
N THR A 79 -23.42 27.28 -6.24
CA THR A 79 -24.58 26.96 -5.43
C THR A 79 -24.27 25.75 -4.57
N THR A 80 -24.64 25.82 -3.29
CA THR A 80 -24.49 24.70 -2.38
C THR A 80 -25.74 24.58 -1.54
N ASP A 81 -25.84 23.47 -0.81
CA ASP A 81 -27.03 23.16 -0.02
C ASP A 81 -26.81 23.57 1.44
N ASN A 82 -27.84 24.14 2.04
CA ASN A 82 -27.80 24.53 3.43
C ASN A 82 -27.79 23.27 4.30
N PRO A 83 -26.78 23.07 5.15
CA PRO A 83 -26.76 21.86 5.98
C PRO A 83 -27.88 21.78 7.00
N LEU A 84 -28.53 22.89 7.33
CA LEU A 84 -29.60 22.85 8.32
C LEU A 84 -30.92 22.41 7.74
N PHE A 85 -31.07 22.39 6.42
CA PHE A 85 -32.32 21.97 5.79
C PHE A 85 -32.21 20.50 5.36
N LYS A 86 -32.07 19.65 6.36
CA LYS A 86 -32.04 18.20 6.22
C LYS A 86 -32.97 17.58 7.25
N PRO A 87 -33.46 16.36 7.00
CA PRO A 87 -34.33 15.72 8.01
C PRO A 87 -33.67 15.57 9.37
N GLN A 88 -32.37 15.28 9.41
CA GLN A 88 -31.64 15.21 10.67
C GLN A 88 -30.22 15.74 10.45
N PRO A 89 -29.89 16.91 10.96
CA PRO A 89 -28.60 17.53 10.63
C PRO A 89 -27.44 16.79 11.29
N GLY A 90 -26.46 16.40 10.48
CA GLY A 90 -25.27 15.74 10.96
C GLY A 90 -25.41 14.27 11.26
N MET A 91 -26.59 13.69 11.04
CA MET A 91 -26.80 12.28 11.34
C MET A 91 -26.25 11.41 10.21
N ASP A 92 -25.60 10.33 10.59
CA ASP A 92 -25.03 9.39 9.63
C ASP A 92 -26.05 8.32 9.25
N LEU A 93 -25.78 7.66 8.12
CA LEU A 93 -26.68 6.62 7.64
C LEU A 93 -26.69 5.39 8.53
N LEU A 94 -25.66 5.21 9.34
CA LEU A 94 -25.52 4.03 10.19
C LEU A 94 -26.17 4.22 11.56
N CYS A 95 -26.58 5.44 11.90
CA CYS A 95 -27.29 5.75 13.15
C CYS A 95 -26.45 5.39 14.38
N LEU A 96 -25.26 5.99 14.45
CA LEU A 96 -24.36 5.78 15.58
C LEU A 96 -23.66 7.06 16.00
N LYS A 97 -24.32 8.21 15.85
CA LYS A 97 -23.69 9.48 16.17
C LYS A 97 -23.55 9.65 17.69
N ASP A 98 -24.68 9.59 18.40
CA ASP A 98 -24.67 9.81 19.85
C ASP A 98 -23.83 8.77 20.57
N LYS A 99 -23.93 7.50 20.15
CA LYS A 99 -23.16 6.45 20.79
C LYS A 99 -21.66 6.69 20.66
N LEU A 100 -21.21 7.02 19.45
CA LEU A 100 -19.79 7.27 19.24
C LEU A 100 -19.32 8.49 20.03
N GLU A 101 -20.11 9.57 20.01
CA GLU A 101 -19.71 10.78 20.72
C GLU A 101 -19.61 10.53 22.22
N MET A 102 -20.55 9.77 22.78
CA MET A 102 -20.48 9.43 24.20
C MET A 102 -19.29 8.53 24.50
N HIS A 103 -18.98 7.60 23.58
CA HIS A 103 -17.86 6.69 23.81
C HIS A 103 -16.53 7.43 23.79
N TYR A 104 -16.39 8.45 22.95
CA TYR A 104 -15.11 9.14 22.84
C TYR A 104 -15.00 10.39 23.70
N PHE A 105 -16.05 11.21 23.78
CA PHE A 105 -15.98 12.49 24.49
C PHE A 105 -16.69 12.49 25.84
N GLY A 106 -17.76 11.72 25.99
CA GLY A 106 -18.49 11.68 27.25
C GLY A 106 -19.78 12.47 27.27
N LYS A 107 -20.11 13.20 26.19
CA LYS A 107 -21.36 13.94 26.16
C LYS A 107 -21.73 14.23 24.71
N THR A 108 -23.03 14.31 24.46
CA THR A 108 -23.55 14.60 23.12
C THR A 108 -23.37 16.08 22.78
N PHE A 109 -23.04 16.35 21.51
CA PHE A 109 -22.78 17.70 21.04
C PHE A 109 -23.76 18.08 19.94
N ASP A 110 -24.07 19.37 19.86
CA ASP A 110 -25.01 19.90 18.88
C ASP A 110 -24.29 20.50 17.69
N ASP A 111 -23.56 19.65 16.97
CA ASP A 111 -22.84 20.06 15.77
C ASP A 111 -22.49 18.80 14.97
N ASN A 112 -21.76 19.00 13.87
CA ASN A 112 -21.31 17.90 13.03
C ASN A 112 -19.80 17.96 12.79
N ILE A 113 -19.04 18.45 13.77
CA ILE A 113 -17.59 18.56 13.65
C ILE A 113 -16.94 17.33 14.26
N HIS A 114 -17.54 16.84 15.36
CA HIS A 114 -16.90 15.77 16.12
C HIS A 114 -17.03 14.41 15.44
N ILE A 115 -18.16 14.14 14.79
CA ILE A 115 -18.36 12.84 14.17
C ILE A 115 -17.42 12.64 12.98
N GLN A 116 -17.13 13.71 12.23
CA GLN A 116 -16.15 13.62 11.17
C GLN A 116 -14.76 13.29 11.73
N LEU A 117 -14.44 13.86 12.89
CA LEU A 117 -13.19 13.52 13.56
C LEU A 117 -13.18 12.05 13.97
N ILE A 118 -14.32 11.53 14.44
CA ILE A 118 -14.38 10.16 14.92
C ILE A 118 -14.21 9.17 13.78
N TYR A 119 -14.80 9.46 12.62
CA TYR A 119 -14.62 8.53 11.50
C TYR A 119 -13.16 8.45 11.04
N GLN A 120 -12.39 9.52 11.15
CA GLN A 120 -10.98 9.44 10.80
C GLN A 120 -10.23 8.51 11.75
N ILE A 121 -10.60 8.51 13.03
CA ILE A 121 -10.04 7.54 13.96
C ILE A 121 -10.48 6.13 13.60
N LEU A 122 -11.73 5.98 13.15
CA LEU A 122 -12.22 4.65 12.78
C LEU A 122 -11.52 4.12 11.54
N ASP A 123 -11.03 5.01 10.68
CA ASP A 123 -10.30 4.58 9.49
C ASP A 123 -8.84 4.22 9.78
N ILE A 124 -8.34 4.51 10.97
CA ILE A 124 -6.94 4.29 11.29
C ILE A 124 -6.71 2.82 11.65
N GLU A 125 -7.80 2.09 11.85
CA GLU A 125 -7.70 0.72 12.34
C GLU A 125 -7.98 -0.34 11.28
N LYS A 126 -8.66 0.01 10.18
CA LYS A 126 -8.92 -0.97 9.13
C LYS A 126 -7.63 -1.41 8.44
N ILE A 127 -6.84 -0.44 7.97
CA ILE A 127 -5.64 -0.76 7.22
C ILE A 127 -4.60 -1.42 8.11
N LEU A 128 -4.53 -0.99 9.37
CA LEU A 128 -3.62 -1.61 10.32
C LEU A 128 -3.97 -3.08 10.53
N ALA A 129 -5.27 -3.36 10.66
CA ALA A 129 -5.71 -4.75 10.81
C ALA A 129 -5.36 -5.56 9.58
N VAL A 130 -5.56 -4.98 8.38
CA VAL A 130 -5.21 -5.69 7.15
C VAL A 130 -3.73 -6.09 7.17
N HIS A 131 -2.86 -5.14 7.47
CA HIS A 131 -1.42 -5.43 7.38
C HIS A 131 -0.96 -6.37 8.48
N VAL A 132 -1.55 -6.26 9.68
CA VAL A 132 -1.19 -7.17 10.77
C VAL A 132 -1.61 -8.60 10.42
N ASN A 133 -2.80 -8.76 9.85
CA ASN A 133 -3.23 -10.10 9.42
C ASN A 133 -2.28 -10.66 8.36
N ASN A 134 -1.86 -9.82 7.41
CA ASN A 134 -0.92 -10.27 6.39
C ASN A 134 0.38 -10.75 7.02
N ILE A 135 0.91 -9.98 7.98
CA ILE A 135 2.18 -10.34 8.59
C ILE A 135 2.05 -11.65 9.38
N VAL A 136 0.94 -11.80 10.11
CA VAL A 136 0.74 -13.03 10.89
C VAL A 136 0.68 -14.23 9.97
N PHE A 137 -0.03 -14.11 8.84
CA PHE A 137 -0.07 -15.20 7.88
C PHE A 137 1.31 -15.50 7.32
N THR A 138 2.11 -14.46 7.05
CA THR A 138 3.45 -14.67 6.50
C THR A 138 4.32 -15.48 7.47
N LEU A 139 4.34 -15.07 8.74
CA LEU A 139 5.12 -15.82 9.73
C LEU A 139 4.59 -17.24 9.92
N ASP A 140 3.26 -17.42 9.89
CA ASP A 140 2.73 -18.77 10.04
C ASP A 140 3.06 -19.64 8.85
N ASN A 141 3.22 -19.05 7.66
CA ASN A 141 3.45 -19.81 6.45
C ASN A 141 4.90 -20.19 6.27
N VAL A 142 5.81 -19.21 6.41
CA VAL A 142 7.23 -19.50 6.17
C VAL A 142 7.76 -20.50 7.20
N LEU A 143 7.42 -20.29 8.47
CA LEU A 143 7.84 -21.19 9.54
C LEU A 143 6.64 -22.04 9.93
N HIS A 144 6.72 -23.33 9.62
CA HIS A 144 5.61 -24.23 9.89
C HIS A 144 5.43 -24.42 11.40
N PRO A 145 4.18 -24.59 11.87
CA PRO A 145 3.87 -24.81 13.28
C PRO A 145 4.61 -26.01 13.87
N LEU A 164 5.11 -16.18 31.14
CA LEU A 164 4.32 -15.00 30.80
C LEU A 164 5.20 -13.88 30.26
N ASP A 165 5.82 -13.12 31.17
CA ASP A 165 6.63 -12.00 30.70
C ASP A 165 8.03 -12.43 30.28
N TYR A 166 8.88 -12.87 31.21
CA TYR A 166 10.12 -13.53 30.82
C TYR A 166 10.33 -14.86 31.54
N GLN A 167 10.21 -14.83 32.87
CA GLN A 167 10.68 -15.92 33.72
C GLN A 167 9.79 -17.15 33.66
N THR A 168 8.48 -16.96 33.66
CA THR A 168 7.55 -18.08 33.71
C THR A 168 7.69 -19.00 32.51
N LEU A 169 8.10 -18.47 31.36
CA LEU A 169 8.24 -19.31 30.17
C LEU A 169 9.24 -20.42 30.38
N ARG A 170 10.37 -20.12 31.04
CA ARG A 170 11.33 -21.18 31.37
C ARG A 170 10.74 -22.13 32.40
N GLY A 171 9.92 -21.63 33.31
CA GLY A 171 9.32 -22.49 34.32
C GLY A 171 8.24 -23.40 33.76
N GLN A 172 7.64 -23.01 32.63
CA GLN A 172 6.60 -23.83 32.02
C GLN A 172 7.16 -25.18 31.56
N THR A 173 8.36 -25.17 30.98
CA THR A 173 9.12 -26.32 30.47
C THR A 173 8.48 -26.82 29.18
N ASN A 174 7.30 -26.35 28.81
CA ASN A 174 6.64 -26.72 27.56
C ASN A 174 6.73 -25.64 26.50
N LYS A 175 6.44 -24.40 26.87
CA LYS A 175 6.58 -23.30 25.92
C LYS A 175 8.05 -23.05 25.60
N TYR A 176 8.95 -23.35 26.54
CA TYR A 176 10.37 -23.16 26.30
C TYR A 176 10.90 -24.18 25.29
N ASP A 177 10.36 -25.40 25.32
CA ASP A 177 10.79 -26.42 24.36
C ASP A 177 10.28 -26.15 22.95
N ARG A 178 9.24 -25.33 22.80
CA ARG A 178 8.76 -24.95 21.48
C ARG A 178 9.36 -23.64 20.99
N PHE A 179 9.64 -22.70 21.89
CA PHE A 179 10.26 -21.44 21.51
C PHE A 179 11.74 -21.60 21.17
N LYS A 180 12.45 -22.50 21.84
CA LYS A 180 13.86 -22.74 21.55
C LYS A 180 14.05 -23.42 20.20
N ASN A 181 13.16 -24.33 19.84
CA ASN A 181 13.26 -24.99 18.55
C ASN A 181 12.78 -24.10 17.42
N TYR A 182 11.73 -23.29 17.67
CA TYR A 182 11.20 -22.41 16.63
C TYR A 182 12.20 -21.31 16.31
N ILE A 183 12.84 -20.76 17.34
CA ILE A 183 13.84 -19.72 17.16
C ILE A 183 15.07 -20.34 16.49
N LYS A 184 15.21 -21.66 16.57
CA LYS A 184 16.32 -22.36 15.95
C LYS A 184 16.16 -22.50 14.45
N ARG A 185 14.94 -22.36 13.93
CA ARG A 185 14.70 -22.54 12.50
C ARG A 185 15.51 -21.53 11.69
N LYS A 186 16.02 -21.99 10.56
CA LYS A 186 16.91 -21.20 9.72
C LYS A 186 16.17 -20.48 8.61
N GLU A 187 14.85 -20.54 8.57
CA GLU A 187 14.08 -19.78 7.59
C GLU A 187 13.93 -18.32 7.98
N LEU A 188 14.37 -17.94 9.19
CA LEU A 188 14.28 -16.56 9.64
C LEU A 188 15.08 -15.62 8.74
N LEU A 189 15.99 -16.15 7.94
CA LEU A 189 16.72 -15.32 7.00
C LEU A 189 15.81 -14.68 5.96
N TYR A 190 14.64 -15.26 5.71
CA TYR A 190 13.77 -14.72 4.67
C TYR A 190 13.15 -13.39 5.05
N PHE A 191 13.16 -13.03 6.33
CA PHE A 191 12.87 -11.67 6.77
C PHE A 191 14.19 -10.96 7.01
N GLY A 192 14.40 -9.85 6.31
CA GLY A 192 15.72 -9.25 6.21
C GLY A 192 16.39 -8.90 7.53
N GLU A 193 15.86 -7.90 8.23
CA GLU A 193 16.50 -7.39 9.43
C GLU A 193 15.68 -7.63 10.69
N ALA A 194 14.55 -8.32 10.60
CA ALA A 194 13.74 -8.55 11.78
C ALA A 194 14.46 -9.41 12.80
N PHE A 195 15.21 -10.42 12.34
CA PHE A 195 15.84 -11.38 13.23
C PHE A 195 17.35 -11.52 13.04
N TYR A 196 17.91 -10.97 11.97
CA TYR A 196 19.34 -11.12 11.69
C TYR A 196 19.99 -9.76 11.49
N HIS A 197 21.08 -9.52 12.21
CA HIS A 197 21.90 -8.33 12.05
C HIS A 197 23.28 -8.74 11.56
N GLU A 198 23.83 -7.95 10.65
CA GLU A 198 25.10 -8.29 10.00
C GLU A 198 25.00 -9.65 9.34
N ASN A 199 25.63 -10.66 9.95
CA ASN A 199 25.49 -12.04 9.52
C ASN A 199 25.34 -12.97 10.70
N GLU A 200 24.78 -12.47 11.81
CA GLU A 200 24.58 -13.25 13.00
C GLU A 200 23.18 -13.01 13.55
N ARG A 201 22.69 -13.98 14.30
CA ARG A 201 21.36 -13.89 14.89
C ARG A 201 21.37 -12.97 16.09
N ARG A 202 20.23 -12.30 16.31
CA ARG A 202 20.09 -11.40 17.45
C ARG A 202 19.98 -12.20 18.74
N TYR A 203 19.89 -11.48 19.86
CA TYR A 203 19.65 -12.12 21.13
C TYR A 203 18.23 -12.66 21.19
N GLU A 204 18.04 -13.67 22.04
CA GLU A 204 16.73 -14.33 22.12
C GLU A 204 15.66 -13.39 22.64
N GLU A 205 16.00 -12.54 23.61
CA GLU A 205 14.98 -11.68 24.21
C GLU A 205 14.47 -10.63 23.23
N ASP A 206 15.30 -10.18 22.30
CA ASP A 206 14.81 -9.25 21.28
C ASP A 206 13.77 -9.90 20.38
N ILE A 207 14.04 -11.14 19.94
CA ILE A 207 13.07 -11.87 19.13
C ILE A 207 11.79 -12.11 19.91
N PHE A 208 11.93 -12.45 21.19
CA PHE A 208 10.75 -12.63 22.04
C PHE A 208 9.93 -11.35 22.13
N ALA A 209 10.60 -10.21 22.29
CA ALA A 209 9.90 -8.93 22.37
C ALA A 209 9.17 -8.63 21.09
N ILE A 210 9.80 -8.86 19.94
CA ILE A 210 9.16 -8.58 18.65
C ILE A 210 7.92 -9.45 18.47
N LEU A 211 8.03 -10.75 18.78
CA LEU A 211 6.89 -11.65 18.61
C LEU A 211 5.76 -11.28 19.57
N THR A 212 6.10 -10.96 20.83
CA THR A 212 5.06 -10.58 21.79
C THR A 212 4.35 -9.30 21.38
N LEU A 213 5.10 -8.32 20.89
CA LEU A 213 4.49 -7.07 20.42
C LEU A 213 3.56 -7.34 19.24
N LEU A 214 3.99 -8.21 18.31
CA LEU A 214 3.13 -8.55 17.18
C LEU A 214 1.83 -9.20 17.65
N SER A 215 1.92 -10.12 18.61
CA SER A 215 0.73 -10.77 19.12
C SER A 215 -0.21 -9.77 19.80
N ALA A 216 0.34 -8.85 20.60
CA ALA A 216 -0.49 -7.87 21.28
C ALA A 216 -1.20 -6.96 20.28
N LEU A 217 -0.49 -6.49 19.26
CA LEU A 217 -1.13 -5.65 18.25
C LEU A 217 -2.19 -6.43 17.48
N ALA A 218 -1.92 -7.71 17.19
CA ALA A 218 -2.89 -8.52 16.47
C ALA A 218 -4.17 -8.70 17.28
N GLN A 219 -4.05 -8.95 18.58
CA GLN A 219 -5.24 -9.11 19.40
C GLN A 219 -5.93 -7.78 19.69
N PHE A 220 -5.22 -6.66 19.59
CA PHE A 220 -5.89 -5.37 19.70
C PHE A 220 -6.69 -5.03 18.45
N CYS A 221 -6.11 -5.26 17.26
CA CYS A 221 -6.71 -4.74 16.04
C CYS A 221 -8.00 -5.44 15.63
N PHE A 222 -8.36 -6.54 16.27
CA PHE A 222 -9.57 -7.29 15.92
C PHE A 222 -10.66 -6.89 16.92
N ALA A 223 -11.61 -6.09 16.45
CA ALA A 223 -12.70 -5.63 17.30
C ALA A 223 -14.02 -5.61 16.53
N VAL A 234 -5.74 -8.31 26.48
CA VAL A 234 -5.21 -6.95 26.46
C VAL A 234 -6.38 -5.97 26.59
N ASN A 235 -6.11 -4.80 27.18
CA ASN A 235 -7.13 -3.80 27.38
C ASN A 235 -7.54 -3.19 26.04
N SER A 236 -8.65 -2.45 26.07
CA SER A 236 -9.18 -1.81 24.87
C SER A 236 -8.52 -0.47 24.57
N PHE A 237 -7.61 -0.01 25.42
CA PHE A 237 -6.89 1.24 25.19
C PHE A 237 -5.38 1.02 25.06
N TRP A 238 -4.96 -0.18 24.67
CA TRP A 238 -3.54 -0.52 24.70
C TRP A 238 -2.71 0.41 23.82
N LEU A 239 -3.14 0.60 22.58
CA LEU A 239 -2.31 1.34 21.63
C LEU A 239 -2.26 2.82 21.96
N TYR A 240 -3.31 3.35 22.59
CA TYR A 240 -3.40 4.78 22.87
C TYR A 240 -2.74 5.20 24.18
N GLN A 241 -2.33 4.26 25.02
CA GLN A 241 -1.54 4.57 26.21
C GLN A 241 -0.53 3.44 26.39
N LEU A 242 0.66 3.64 25.82
CA LEU A 242 1.72 2.63 25.87
C LEU A 242 2.81 2.95 26.90
N GLU A 243 2.88 4.20 27.37
CA GLU A 243 3.89 4.55 28.35
C GLU A 243 3.65 3.86 29.68
N ASP A 244 2.38 3.63 30.05
CA ASP A 244 2.04 3.02 31.32
C ASP A 244 1.57 1.58 31.17
N GLN A 245 1.85 0.94 30.03
CA GLN A 245 1.47 -0.46 29.85
C GLN A 245 2.55 -1.29 29.18
N LEU A 246 3.74 -0.73 28.94
CA LEU A 246 4.88 -1.48 28.42
C LEU A 246 5.90 -1.66 29.54
N SER A 247 6.46 -2.86 29.63
CA SER A 247 7.46 -3.15 30.64
C SER A 247 8.76 -2.42 30.32
N ASP A 248 9.68 -2.44 31.28
CA ASP A 248 10.95 -1.73 31.13
C ASP A 248 11.92 -2.44 30.19
N GLU A 249 11.58 -3.65 29.73
CA GLU A 249 12.42 -4.38 28.80
C GLU A 249 11.98 -4.27 27.35
N PHE A 250 10.69 -4.01 27.10
CA PHE A 250 10.25 -3.80 25.73
C PHE A 250 10.63 -2.42 25.21
N LYS A 251 10.69 -1.42 26.09
CA LYS A 251 11.13 -0.10 25.66
C LYS A 251 12.59 -0.12 25.24
N GLU A 252 13.41 -0.92 25.93
CA GLU A 252 14.83 -0.99 25.58
C GLU A 252 15.05 -1.59 24.21
N THR A 253 14.26 -2.61 23.85
CA THR A 253 14.41 -3.25 22.55
C THR A 253 14.04 -2.31 21.42
N LEU A 254 12.92 -1.61 21.54
CA LEU A 254 12.47 -0.73 20.46
C LEU A 254 13.46 0.41 20.24
N SER A 255 14.19 0.81 21.28
CA SER A 255 15.14 1.90 21.13
C SER A 255 16.35 1.47 20.31
N ILE A 256 16.82 0.23 20.50
CA ILE A 256 18.03 -0.23 19.81
C ILE A 256 17.79 -0.33 18.31
N LEU A 257 16.62 -0.83 17.90
CA LEU A 257 16.33 -0.96 16.49
C LEU A 257 16.29 0.39 15.79
N TRP A 258 15.76 1.42 16.46
CA TRP A 258 15.76 2.75 15.88
C TRP A 258 17.17 3.36 15.88
N GLU A 259 17.92 3.17 16.96
CA GLU A 259 19.29 3.68 17.02
C GLU A 259 20.19 2.98 15.99
N GLU A 260 19.84 1.76 15.61
CA GLU A 260 20.63 1.00 14.66
C GLU A 260 20.66 1.67 13.29
N VAL A 261 19.48 1.99 12.76
CA VAL A 261 19.40 2.53 11.41
C VAL A 261 19.88 3.99 11.39
N THR A 262 19.62 4.74 12.45
CA THR A 262 20.01 6.15 12.46
C THR A 262 21.52 6.32 12.48
N GLU A 263 22.22 5.52 13.28
CA GLU A 263 23.67 5.64 13.35
C GLU A 263 24.33 5.24 12.05
N ARG A 264 23.75 4.29 11.32
CA ARG A 264 24.31 3.88 10.04
C ARG A 264 24.27 5.01 9.01
N ILE A 265 23.17 5.77 8.99
CA ILE A 265 23.02 6.81 7.97
C ILE A 265 23.61 8.13 8.43
N ASP A 266 23.39 8.50 9.70
CA ASP A 266 23.88 9.79 10.18
C ASP A 266 25.40 9.85 10.16
N SER A 267 26.07 8.79 10.64
CA SER A 267 27.50 8.72 10.53
C SER A 267 27.91 8.48 9.08
N GLU A 268 29.15 8.86 8.76
CA GLU A 268 29.73 8.81 7.43
C GLU A 268 28.74 9.23 6.34
N PHE A 269 27.97 10.28 6.60
CA PHE A 269 27.11 10.84 5.57
C PHE A 269 27.93 11.64 4.56
N LEU A 270 28.93 12.37 5.02
CA LEU A 270 29.76 13.16 4.12
C LEU A 270 30.61 12.29 3.22
N LYS A 271 31.07 11.14 3.72
CA LYS A 271 31.94 10.28 2.92
C LYS A 271 31.15 9.57 1.83
N THR A 272 29.92 9.15 2.11
CA THR A 272 29.15 8.39 1.14
C THR A 272 28.71 9.25 -0.05
N ASN A 273 28.31 10.49 0.21
CA ASN A 273 27.72 11.35 -0.81
C ASN A 273 28.69 12.41 -1.33
N THR A 274 29.97 12.06 -1.48
CA THR A 274 30.95 13.02 -1.96
C THR A 274 30.69 13.42 -3.40
N VAL A 275 30.31 12.45 -4.25
CA VAL A 275 30.16 12.73 -5.67
C VAL A 275 29.03 13.73 -5.91
N ASN A 276 27.89 13.53 -5.24
CA ASN A 276 26.74 14.41 -5.47
C ASN A 276 26.99 15.80 -4.91
N LEU A 277 27.71 15.91 -3.79
CA LEU A 277 27.96 17.23 -3.20
C LEU A 277 28.95 18.04 -4.01
N HIS A 278 29.97 17.39 -4.57
CA HIS A 278 30.94 18.10 -5.39
C HIS A 278 30.30 18.67 -6.65
N ILE A 279 29.43 17.90 -7.29
CA ILE A 279 28.76 18.37 -8.50
C ILE A 279 27.84 19.55 -8.17
N LEU A 280 27.09 19.44 -7.06
CA LEU A 280 26.15 20.49 -6.70
C LEU A 280 26.87 21.80 -6.36
N CYS A 281 27.99 21.72 -5.65
CA CYS A 281 28.76 22.93 -5.36
C CYS A 281 29.40 23.52 -6.61
N HIS A 282 29.56 22.72 -7.67
CA HIS A 282 30.06 23.26 -8.92
C HIS A 282 28.97 24.02 -9.67
N VAL A 283 27.73 23.53 -9.61
CA VAL A 283 26.63 24.19 -10.31
C VAL A 283 26.27 25.50 -9.64
N PHE A 284 26.30 25.54 -8.31
CA PHE A 284 25.99 26.74 -7.53
C PHE A 284 27.25 27.23 -6.86
N PRO A 285 28.06 28.06 -7.53
CA PRO A 285 29.35 28.47 -6.95
C PRO A 285 29.25 29.59 -5.93
N LYS A 286 28.18 30.39 -5.94
CA LYS A 286 28.05 31.51 -5.03
C LYS A 286 27.48 31.12 -3.68
N GLU A 287 27.16 29.86 -3.47
CA GLU A 287 26.60 29.38 -2.21
C GLU A 287 27.67 28.68 -1.39
N SER A 288 27.63 28.90 -0.08
CA SER A 288 28.61 28.30 0.81
C SER A 288 28.41 26.79 0.88
N LYS A 289 29.47 26.09 1.29
CA LYS A 289 29.41 24.64 1.39
C LYS A 289 28.43 24.20 2.47
N GLU A 290 28.31 24.97 3.55
CA GLU A 290 27.42 24.58 4.64
C GLU A 290 25.97 24.59 4.20
N THR A 291 25.58 25.57 3.39
CA THR A 291 24.19 25.66 2.95
C THR A 291 23.81 24.49 2.05
N ILE A 292 24.71 24.11 1.13
CA ILE A 292 24.42 23.00 0.22
C ILE A 292 24.30 21.69 0.98
N VAL A 293 25.18 21.48 1.97
CA VAL A 293 25.14 20.23 2.73
C VAL A 293 23.83 20.12 3.49
N ARG A 294 23.39 21.20 4.13
CA ARG A 294 22.13 21.17 4.87
C ARG A 294 20.94 20.99 3.94
N ALA A 295 20.96 21.67 2.78
CA ALA A 295 19.85 21.54 1.85
C ALA A 295 19.76 20.13 1.27
N TYR A 296 20.91 19.50 0.99
CA TYR A 296 20.90 18.16 0.45
C TYR A 296 20.39 17.14 1.47
N TYR A 297 20.68 17.38 2.75
CA TYR A 297 20.20 16.47 3.79
C TYR A 297 18.68 16.46 3.85
N GLU A 298 18.05 17.63 3.71
CA GLU A 298 16.60 17.70 3.76
C GLU A 298 15.97 17.13 2.49
N PHE A 299 16.61 17.31 1.34
CA PHE A 299 16.03 16.83 0.09
C PHE A 299 16.08 15.30 0.00
N LEU A 300 17.07 14.68 0.62
CA LEU A 300 17.35 13.26 0.39
C LEU A 300 16.98 12.38 1.57
N ILE A 301 17.33 12.77 2.79
CA ILE A 301 17.07 11.90 3.95
C ILE A 301 15.64 12.08 4.43
N LYS A 302 15.29 13.28 4.89
CA LYS A 302 13.93 13.58 5.34
C LYS A 302 13.22 14.37 4.23
N LYS A 303 12.71 13.63 3.26
CA LYS A 303 12.20 14.22 2.02
C LYS A 303 11.11 15.25 2.27
N SER A 304 11.41 16.51 1.95
CA SER A 304 10.50 17.63 2.16
C SER A 304 9.99 18.23 0.87
N PHE A 305 10.37 17.67 -0.28
CA PHE A 305 9.92 18.15 -1.57
C PHE A 305 8.69 17.40 -2.09
N LYS A 306 8.18 16.43 -1.34
CA LYS A 306 7.09 15.59 -1.81
C LYS A 306 5.73 16.21 -1.48
N ASN A 307 5.46 16.44 -0.20
CA ASN A 307 4.19 17.03 0.22
C ASN A 307 4.31 18.55 0.18
N MET A 308 4.15 19.09 -1.04
CA MET A 308 4.29 20.52 -1.24
C MET A 308 3.09 21.11 -1.98
N GLY A 309 2.45 20.33 -2.84
CA GLY A 309 1.30 20.81 -3.56
C GLY A 309 1.29 20.46 -5.03
N PHE A 310 2.47 20.33 -5.64
CA PHE A 310 2.59 19.99 -7.04
C PHE A 310 3.66 18.92 -7.22
N SER A 311 3.52 18.15 -8.31
CA SER A 311 4.41 17.04 -8.56
C SER A 311 5.71 17.52 -9.19
N ILE A 312 6.83 17.02 -8.67
CA ILE A 312 8.15 17.33 -9.21
C ILE A 312 8.59 16.33 -10.26
N LYS A 313 8.26 15.05 -10.07
CA LYS A 313 8.58 14.04 -11.07
C LYS A 313 7.86 14.32 -12.38
N LYS A 314 6.60 14.72 -12.31
CA LYS A 314 5.83 14.96 -13.53
C LYS A 314 6.36 16.17 -14.28
N LEU A 315 6.81 17.21 -13.57
CA LEU A 315 7.38 18.37 -14.22
C LEU A 315 8.66 18.02 -14.97
N ARG A 316 9.48 17.15 -14.38
CA ARG A 316 10.74 16.77 -15.01
C ARG A 316 10.52 16.01 -16.31
N GLU A 317 9.49 15.14 -16.35
CA GLU A 317 9.26 14.32 -17.53
C GLU A 317 8.93 15.17 -18.74
N ILE A 318 8.11 16.19 -18.57
CA ILE A 318 7.71 17.02 -19.69
C ILE A 318 8.87 17.88 -20.19
N MET A 319 9.77 18.28 -19.28
CA MET A 319 10.91 19.10 -19.69
C MET A 319 11.85 18.33 -20.60
N LEU A 320 11.89 17.01 -20.46
CA LEU A 320 12.78 16.17 -21.25
C LEU A 320 12.25 15.87 -22.64
N GLU A 321 11.04 16.31 -22.96
CA GLU A 321 10.46 16.14 -24.29
C GLU A 321 10.61 17.38 -25.14
N GLN A 322 11.29 18.41 -24.64
CA GLN A 322 11.53 19.61 -25.42
C GLN A 322 12.68 19.38 -26.41
N SER A 323 12.73 20.26 -27.42
CA SER A 323 13.71 20.07 -28.49
C SER A 323 15.14 20.20 -28.00
N ASP A 324 15.39 21.15 -27.09
CA ASP A 324 16.74 21.41 -26.63
C ASP A 324 17.22 20.41 -25.58
N LEU A 325 16.35 19.55 -25.07
CA LEU A 325 16.71 18.66 -23.97
C LEU A 325 16.35 17.20 -24.22
N LYS A 326 15.93 16.84 -25.44
CA LYS A 326 15.57 15.44 -25.71
C LYS A 326 16.78 14.62 -26.13
N SER A 327 17.85 14.71 -25.34
CA SER A 327 19.04 13.91 -25.53
C SER A 327 19.33 12.98 -24.37
N PHE A 328 18.93 13.34 -23.16
CA PHE A 328 19.13 12.48 -22.00
C PHE A 328 18.22 11.27 -22.02
N LYS A 329 17.26 11.21 -22.94
CA LYS A 329 16.41 10.04 -23.12
C LYS A 329 17.08 8.96 -23.95
N GLU A 330 18.25 9.23 -24.51
CA GLU A 330 18.93 8.27 -25.38
C GLU A 330 19.54 7.15 -24.54
N ASP A 331 20.31 6.27 -25.19
CA ASP A 331 20.86 5.10 -24.53
C ASP A 331 22.24 5.33 -23.94
N LYS A 332 22.88 6.46 -24.20
CA LYS A 332 24.20 6.71 -23.65
C LYS A 332 24.18 6.91 -22.14
N TYR A 333 23.03 7.31 -21.58
CA TYR A 333 22.92 7.59 -20.16
C TYR A 333 22.19 6.49 -19.39
N ASN A 334 22.13 5.28 -19.95
CA ASN A 334 21.44 4.19 -19.27
C ASN A 334 22.18 3.79 -18.00
N SER A 335 23.51 3.73 -18.05
CA SER A 335 24.29 3.33 -16.89
C SER A 335 24.22 4.38 -15.77
N VAL A 336 24.08 5.66 -16.14
CA VAL A 336 23.96 6.74 -15.16
C VAL A 336 22.64 7.45 -15.45
N ARG A 337 21.57 6.97 -14.83
CA ARG A 337 20.25 7.59 -15.00
C ARG A 337 19.61 7.83 -13.64
N ALA A 338 19.89 6.96 -12.67
CA ALA A 338 19.41 7.20 -11.32
C ALA A 338 20.13 8.39 -10.69
N LYS A 339 21.43 8.52 -10.93
CA LYS A 339 22.18 9.65 -10.39
C LYS A 339 21.85 10.94 -11.15
N LEU A 340 21.59 10.83 -12.46
CA LEU A 340 21.27 12.01 -13.25
C LEU A 340 19.95 12.62 -12.82
N TYR A 341 18.94 11.79 -12.55
CA TYR A 341 17.62 12.31 -12.24
C TYR A 341 17.55 12.90 -10.84
N LYS A 342 18.37 12.39 -9.92
CA LYS A 342 18.42 12.97 -8.58
C LYS A 342 18.94 14.40 -8.62
N LEU A 343 19.97 14.65 -9.44
CA LEU A 343 20.50 16.00 -9.57
C LEU A 343 19.48 16.94 -10.20
N PHE A 344 18.75 16.47 -11.20
CA PHE A 344 17.77 17.31 -11.88
C PHE A 344 16.64 17.72 -10.94
N ASP A 345 16.17 16.79 -10.11
CA ASP A 345 15.08 17.10 -9.18
C ASP A 345 15.51 18.14 -8.14
N PHE A 346 16.74 18.03 -7.64
CA PHE A 346 17.21 18.97 -6.64
C PHE A 346 17.26 20.39 -7.18
N ILE A 347 17.58 20.54 -8.46
CA ILE A 347 17.64 21.88 -9.05
C ILE A 347 16.25 22.50 -9.11
N ILE A 348 15.23 21.70 -9.41
CA ILE A 348 13.86 22.21 -9.44
C ILE A 348 13.42 22.61 -8.03
N THR A 349 13.71 21.77 -7.04
CA THR A 349 13.31 22.09 -5.67
C THR A 349 14.02 23.34 -5.15
N TYR A 350 15.31 23.49 -5.47
CA TYR A 350 16.05 24.65 -5.02
C TYR A 350 15.57 25.93 -5.70
N TYR A 351 15.01 25.82 -6.91
CA TYR A 351 14.53 27.00 -7.62
C TYR A 351 13.30 27.60 -6.95
N TYR A 352 12.34 26.75 -6.57
CA TYR A 352 11.16 27.20 -5.84
C TYR A 352 11.41 27.49 -4.38
N ASP A 353 12.47 26.95 -3.78
CA ASP A 353 12.77 27.28 -2.40
C ASP A 353 13.30 28.70 -2.24
N HIS A 354 13.61 29.38 -3.35
CA HIS A 354 14.04 30.77 -3.32
C HIS A 354 13.07 31.71 -4.03
N HIS A 355 12.10 31.19 -4.77
CA HIS A 355 11.07 32.00 -5.45
C HIS A 355 9.74 31.66 -4.79
N ALA A 356 9.38 32.43 -3.76
CA ALA A 356 8.17 32.15 -3.00
C ALA A 356 6.90 32.67 -3.66
N PHE A 357 7.02 33.43 -4.75
CA PHE A 357 5.86 33.97 -5.44
C PHE A 357 5.34 33.04 -6.53
N GLU A 358 6.25 32.42 -7.29
CA GLU A 358 5.82 31.52 -8.36
C GLU A 358 5.31 30.20 -7.81
N LYS A 359 5.81 29.78 -6.65
CA LYS A 359 5.33 28.54 -6.04
C LYS A 359 3.86 28.66 -5.64
N GLU A 360 3.49 29.81 -5.05
CA GLU A 360 2.12 29.98 -4.57
C GLU A 360 1.13 30.07 -5.73
N ALA A 361 1.53 30.70 -6.83
CA ALA A 361 0.65 30.82 -7.98
C ALA A 361 0.34 29.46 -8.59
N LEU A 362 1.34 28.57 -8.65
CA LEU A 362 1.13 27.26 -9.27
C LEU A 362 0.14 26.42 -8.47
N VAL A 363 0.24 26.46 -7.14
CA VAL A 363 -0.66 25.65 -6.31
C VAL A 363 -2.10 26.14 -6.46
N SER A 364 -2.31 27.46 -6.44
CA SER A 364 -3.66 27.99 -6.57
C SER A 364 -4.25 27.71 -7.94
N SER A 365 -3.42 27.74 -8.99
CA SER A 365 -3.90 27.41 -10.32
C SER A 365 -4.35 25.95 -10.40
N LEU A 366 -3.59 25.05 -9.77
CA LEU A 366 -3.97 23.64 -9.77
C LEU A 366 -5.17 23.37 -8.89
N ARG A 367 -5.36 24.17 -7.84
CA ARG A 367 -6.45 23.94 -6.91
C ARG A 367 -7.78 24.56 -7.36
N SER A 368 -7.76 25.37 -8.42
CA SER A 368 -8.95 26.05 -8.93
C SER A 368 -9.18 25.73 -10.40
N SER A 369 -8.91 24.49 -10.79
CA SER A 369 -9.12 24.03 -12.16
C SER A 369 -10.49 23.37 -12.27
N LEU A 370 -11.03 23.39 -13.49
CA LEU A 370 -12.39 22.91 -13.72
C LEU A 370 -12.44 21.41 -13.97
N THR A 371 -11.74 20.93 -14.99
CA THR A 371 -11.75 19.51 -15.34
C THR A 371 -10.36 18.90 -15.24
N GLU A 372 -10.25 17.60 -15.54
CA GLU A 372 -8.94 16.95 -15.50
C GLU A 372 -8.07 17.38 -16.68
N GLU A 373 -8.68 17.68 -17.83
CA GLU A 373 -7.91 18.11 -18.98
C GLU A 373 -7.27 19.47 -18.74
N ASN A 374 -7.92 20.31 -17.91
CA ASN A 374 -7.38 21.63 -17.63
C ASN A 374 -6.09 21.53 -16.81
N LYS A 375 -5.98 20.53 -15.94
CA LYS A 375 -4.78 20.35 -15.15
C LYS A 375 -3.56 20.08 -16.03
N GLU A 376 -3.73 19.25 -17.07
CA GLU A 376 -2.61 18.90 -17.92
C GLU A 376 -2.08 20.12 -18.67
N GLU A 377 -2.97 21.03 -19.06
CA GLU A 377 -2.54 22.23 -19.76
C GLU A 377 -1.68 23.12 -18.87
N ILE A 378 -2.02 23.20 -17.59
CA ILE A 378 -1.24 24.01 -16.65
C ILE A 378 0.16 23.43 -16.50
N TYR A 379 0.26 22.10 -16.39
CA TYR A 379 1.56 21.46 -16.22
C TYR A 379 2.45 21.69 -17.43
N ILE A 380 1.87 21.64 -18.64
CA ILE A 380 2.66 21.81 -19.86
C ILE A 380 3.23 23.23 -19.92
N LYS A 381 2.41 24.23 -19.60
CA LYS A 381 2.88 25.61 -19.65
C LYS A 381 3.99 25.85 -18.64
N THR A 382 3.85 25.31 -17.43
CA THR A 382 4.89 25.48 -16.43
C THR A 382 6.16 24.74 -16.81
N ALA A 383 6.02 23.53 -17.35
CA ALA A 383 7.20 22.74 -17.73
C ALA A 383 7.96 23.40 -18.87
N ARG A 384 7.25 23.99 -19.83
CA ARG A 384 7.92 24.66 -20.94
C ARG A 384 8.69 25.89 -20.48
N THR A 385 8.10 26.70 -19.60
CA THR A 385 8.77 27.93 -19.19
C THR A 385 9.93 27.65 -18.25
N LEU A 386 9.94 26.49 -17.59
CA LEU A 386 11.08 26.14 -16.74
C LEU A 386 12.28 25.73 -17.59
N ALA A 387 12.04 24.96 -18.65
CA ALA A 387 13.14 24.44 -19.47
C ALA A 387 14.01 25.57 -20.01
N SER A 388 13.39 26.70 -20.34
CA SER A 388 14.17 27.84 -20.81
C SER A 388 14.87 28.57 -19.67
N ALA A 389 14.25 28.61 -18.49
CA ALA A 389 14.81 29.40 -17.40
C ALA A 389 16.02 28.73 -16.78
N LEU A 390 15.97 27.42 -16.57
CA LEU A 390 17.06 26.72 -15.89
C LEU A 390 17.53 25.49 -16.68
N GLY A 391 17.44 25.55 -18.01
CA GLY A 391 17.94 24.44 -18.81
C GLY A 391 19.43 24.38 -18.91
N ALA A 392 20.10 25.54 -18.81
CA ALA A 392 21.56 25.56 -18.89
C ALA A 392 22.20 24.84 -17.72
N ASP A 393 21.63 24.99 -16.52
CA ASP A 393 22.17 24.30 -15.35
C ASP A 393 22.03 22.79 -15.46
N PHE A 394 21.04 22.34 -16.23
CA PHE A 394 20.87 20.90 -16.43
C PHE A 394 22.06 20.30 -17.18
N LYS A 395 22.57 21.03 -18.18
CA LYS A 395 23.64 20.49 -19.01
C LYS A 395 24.99 20.52 -18.27
N LYS A 396 25.19 21.52 -17.42
CA LYS A 396 26.44 21.61 -16.67
C LYS A 396 26.62 20.43 -15.74
N ALA A 397 25.54 19.99 -15.08
CA ALA A 397 25.60 18.81 -14.24
C ALA A 397 25.76 17.54 -15.06
N ALA A 398 25.08 17.47 -16.21
CA ALA A 398 25.12 16.27 -17.04
C ALA A 398 26.45 16.08 -17.75
N ALA A 399 27.30 17.11 -17.79
CA ALA A 399 28.62 16.98 -18.38
C ALA A 399 29.66 16.51 -17.38
N ASP A 400 29.29 16.33 -16.12
CA ASP A 400 30.20 15.87 -15.09
C ASP A 400 29.85 14.48 -14.58
N VAL A 401 28.88 13.81 -15.19
CA VAL A 401 28.51 12.45 -14.82
C VAL A 401 29.07 11.51 -15.88
N ASN A 402 30.26 11.00 -15.64
CA ASN A 402 30.89 10.02 -16.52
C ASN A 402 31.91 9.24 -15.69
N ALA A 403 32.44 8.18 -16.30
CA ALA A 403 33.28 7.24 -15.56
C ALA A 403 34.53 7.91 -15.00
N LYS A 404 35.16 8.78 -15.80
CA LYS A 404 36.44 9.36 -15.38
C LYS A 404 36.27 10.31 -14.21
N ASN A 405 35.25 11.17 -14.26
CA ASN A 405 35.09 12.18 -13.22
C ASN A 405 34.63 11.56 -11.90
N ILE A 406 33.77 10.54 -11.95
CA ILE A 406 33.24 9.95 -10.73
C ILE A 406 34.35 9.31 -9.92
N ARG A 407 35.27 8.61 -10.58
CA ARG A 407 36.36 7.95 -9.86
C ARG A 407 37.29 8.97 -9.19
N ASP A 408 37.51 10.11 -9.86
CA ASP A 408 38.38 11.14 -9.30
C ASP A 408 37.79 11.68 -8.00
N TYR A 409 36.49 11.94 -7.98
CA TYR A 409 35.86 12.51 -6.80
C TYR A 409 35.94 11.57 -5.60
N GLN A 410 35.78 10.27 -5.83
CA GLN A 410 35.73 9.32 -4.71
C GLN A 410 37.05 9.23 -3.96
N LYS A 411 38.16 9.60 -4.58
CA LYS A 411 39.46 9.52 -3.90
C LYS A 411 39.58 10.59 -2.83
N LYS A 412 39.17 11.81 -3.13
CA LYS A 412 39.27 12.93 -2.19
C LYS A 412 37.93 13.10 -1.47
N ALA A 413 37.65 12.13 -0.60
CA ALA A 413 36.40 12.07 0.15
C ALA A 413 36.48 12.69 1.54
N ASN A 414 37.63 13.24 1.91
CA ASN A 414 37.80 13.79 3.26
C ASN A 414 38.17 15.27 3.21
N ASP A 415 37.47 16.04 2.38
CA ASP A 415 37.77 17.46 2.19
C ASP A 415 36.64 18.36 2.68
N TYR A 416 35.74 17.84 3.51
CA TYR A 416 34.63 18.61 4.05
C TYR A 416 34.58 18.48 5.56
N ARG A 417 34.34 19.59 6.25
CA ARG A 417 34.24 19.62 7.71
C ARG A 417 33.08 20.54 8.09
N ILE A 418 31.89 19.95 8.26
CA ILE A 418 30.68 20.68 8.58
C ILE A 418 30.01 20.00 9.78
N SER A 419 29.51 20.80 10.71
CA SER A 419 28.93 20.25 11.93
C SER A 419 27.50 19.76 11.70
N PHE A 420 26.58 20.70 11.42
CA PHE A 420 25.17 20.43 11.13
C PHE A 420 24.53 19.39 12.06
N GLU A 421 24.99 19.36 13.32
CA GLU A 421 24.52 18.34 14.26
C GLU A 421 23.09 18.55 14.72
N ASP A 422 22.54 19.76 14.62
CA ASP A 422 21.22 20.03 15.17
C ASP A 422 20.12 19.37 14.35
N ILE A 423 20.25 19.38 13.02
CA ILE A 423 19.18 18.89 12.15
C ILE A 423 19.27 17.39 11.89
N LYS A 424 20.25 16.70 12.46
CA LYS A 424 20.35 15.26 12.29
C LYS A 424 19.16 14.55 12.92
N ILE A 425 18.75 13.44 12.29
CA ILE A 425 17.61 12.67 12.80
C ILE A 425 17.96 11.83 14.01
N GLY A 426 19.24 11.62 14.28
CA GLY A 426 19.62 10.81 15.43
C GLY A 426 19.58 11.55 16.74
N ASN A 427 19.73 12.88 16.70
CA ASN A 427 19.69 13.70 17.90
C ASN A 427 18.29 14.21 18.20
N THR A 428 17.32 13.30 18.25
CA THR A 428 15.94 13.63 18.53
C THR A 428 15.21 12.38 19.00
N GLY A 429 14.53 12.48 20.13
CA GLY A 429 13.72 11.37 20.58
C GLY A 429 12.50 11.14 19.73
N ILE A 430 11.97 9.92 19.79
CA ILE A 430 10.81 9.54 19.00
C ILE A 430 9.83 8.82 19.93
N GLY A 431 8.54 8.90 19.58
CA GLY A 431 7.51 8.34 20.42
C GLY A 431 7.43 6.84 20.36
N TYR A 432 6.64 6.27 21.27
CA TYR A 432 6.46 4.82 21.32
C TYR A 432 5.56 4.33 20.19
N PHE A 433 4.58 5.14 19.78
CA PHE A 433 3.73 4.76 18.67
C PHE A 433 4.52 4.67 17.36
N SER A 434 5.45 5.59 17.14
CA SER A 434 6.23 5.59 15.91
C SER A 434 7.26 4.46 15.91
N GLU A 435 7.79 4.10 17.07
CA GLU A 435 8.73 2.98 17.14
C GLU A 435 8.04 1.67 16.81
N LEU A 436 6.77 1.51 17.22
CA LEU A 436 6.02 0.32 16.88
C LEU A 436 5.82 0.20 15.38
N ILE A 437 5.58 1.32 14.71
CA ILE A 437 5.37 1.30 13.26
C ILE A 437 6.65 0.85 12.55
N TYR A 438 7.81 1.32 13.02
CA TYR A 438 9.07 0.94 12.38
C TYR A 438 9.31 -0.56 12.48
N MET A 439 9.01 -1.15 13.63
CA MET A 439 9.18 -2.59 13.80
C MET A 439 8.30 -3.36 12.83
N LEU A 440 7.09 -2.85 12.56
CA LEU A 440 6.23 -3.47 11.55
C LEU A 440 6.87 -3.39 10.17
N THR A 441 7.55 -2.28 9.87
CA THR A 441 8.14 -2.08 8.55
C THR A 441 9.28 -3.06 8.29
N LEU A 442 9.86 -3.63 9.34
CA LEU A 442 10.94 -4.60 9.18
C LEU A 442 10.45 -5.91 8.59
N LEU A 443 9.13 -6.11 8.48
CA LEU A 443 8.56 -7.37 8.03
C LEU A 443 7.65 -7.16 6.82
N LEU A 444 7.93 -6.13 6.01
CA LEU A 444 7.12 -5.82 4.84
C LEU A 444 8.04 -5.37 3.71
N ASP A 445 7.51 -5.44 2.48
CA ASP A 445 8.28 -5.08 1.30
C ASP A 445 8.03 -3.63 0.90
N GLY A 446 8.61 -3.23 -0.23
CA GLY A 446 8.62 -1.82 -0.60
C GLY A 446 7.23 -1.26 -0.84
N LYS A 447 6.41 -1.97 -1.60
CA LYS A 447 5.07 -1.47 -1.92
C LYS A 447 4.20 -1.36 -0.67
N GLU A 448 4.28 -2.35 0.22
CA GLU A 448 3.40 -2.38 1.39
C GLU A 448 3.76 -1.27 2.37
N ILE A 449 5.03 -0.86 2.41
CA ILE A 449 5.42 0.26 3.27
C ILE A 449 4.74 1.54 2.80
N ASN A 450 4.68 1.74 1.48
CA ASN A 450 4.03 2.92 0.94
C ASN A 450 2.55 2.97 1.31
N ASP A 451 1.86 1.84 1.18
CA ASP A 451 0.41 1.83 1.41
C ASP A 451 0.09 2.13 2.87
N LEU A 452 0.84 1.56 3.80
CA LEU A 452 0.54 1.77 5.21
C LEU A 452 0.82 3.20 5.64
N LEU A 453 1.99 3.72 5.29
CA LEU A 453 2.40 5.03 5.82
C LEU A 453 1.65 6.17 5.14
N THR A 454 1.33 6.02 3.85
CA THR A 454 0.60 7.06 3.14
C THR A 454 -0.80 7.25 3.72
N THR A 455 -1.49 6.15 4.01
CA THR A 455 -2.82 6.25 4.60
C THR A 455 -2.78 6.89 5.97
N LEU A 456 -1.79 6.50 6.79
CA LEU A 456 -1.70 7.05 8.14
C LEU A 456 -1.43 8.54 8.13
N ILE A 457 -0.58 9.00 7.21
CA ILE A 457 -0.25 10.43 7.14
C ILE A 457 -1.50 11.24 6.82
N ASN A 458 -2.31 10.76 5.87
CA ASN A 458 -3.52 11.48 5.47
C ASN A 458 -4.51 11.60 6.62
N LYS A 459 -4.70 10.52 7.39
CA LYS A 459 -5.66 10.55 8.49
C LYS A 459 -5.21 11.52 9.58
N PHE A 460 -3.93 11.53 9.91
CA PHE A 460 -3.45 12.41 10.98
C PHE A 460 -3.51 13.86 10.59
N ASP A 461 -3.30 14.17 9.30
CA ASP A 461 -3.41 15.54 8.84
C ASP A 461 -4.83 16.07 8.99
N ASN A 462 -5.83 15.24 8.68
CA ASN A 462 -7.22 15.66 8.80
C ASN A 462 -7.62 15.88 10.25
N ILE A 463 -7.12 15.03 11.16
CA ILE A 463 -7.48 15.15 12.58
C ILE A 463 -7.00 16.48 13.14
N ILE A 464 -5.79 16.91 12.75
CA ILE A 464 -5.22 18.14 13.28
C ILE A 464 -6.05 19.35 12.84
N SER A 465 -6.56 19.31 11.61
CA SER A 465 -7.36 20.43 11.10
C SER A 465 -8.66 20.60 11.88
N PHE A 466 -9.34 19.48 12.18
CA PHE A 466 -10.59 19.55 12.92
C PHE A 466 -10.38 20.09 14.33
N ILE A 467 -9.30 19.69 14.99
CA ILE A 467 -9.01 20.22 16.32
C ILE A 467 -8.72 21.72 16.24
N ASP A 468 -8.08 22.15 15.16
CA ASP A 468 -7.78 23.58 14.99
C ASP A 468 -9.05 24.40 14.85
N ILE A 469 -10.02 23.91 14.06
CA ILE A 469 -11.27 24.62 13.88
C ILE A 469 -12.06 24.67 15.19
N LEU A 470 -12.08 23.56 15.92
CA LEU A 470 -12.83 23.52 17.18
C LEU A 470 -12.25 24.49 18.20
N LYS A 471 -10.92 24.53 18.32
CA LYS A 471 -10.29 25.41 19.29
C LYS A 471 -10.43 26.88 18.90
N LYS A 472 -10.50 27.17 17.61
CA LYS A 472 -10.61 28.54 17.15
C LYS A 472 -12.01 29.11 17.36
N LEU A 473 -13.02 28.26 17.46
CA LEU A 473 -14.40 28.70 17.57
C LEU A 473 -14.92 28.69 19.00
N ASN A 474 -14.06 28.39 19.97
CA ASN A 474 -14.43 28.29 21.39
C ASN A 474 -15.50 27.22 21.61
N LEU A 475 -15.13 25.98 21.27
CA LEU A 475 -15.94 24.81 21.50
C LEU A 475 -15.12 23.76 22.24
N GLU A 476 -15.77 22.68 22.65
CA GLU A 476 -15.09 21.64 23.41
C GLU A 476 -14.12 20.88 22.53
N PHE A 477 -12.89 20.71 23.01
CA PHE A 477 -11.85 20.03 22.26
C PHE A 477 -11.11 18.96 23.07
N LYS A 478 -11.43 18.80 24.36
CA LYS A 478 -10.74 17.82 25.18
C LYS A 478 -11.43 16.47 25.07
N PHE A 479 -10.63 15.43 24.85
CA PHE A 479 -11.13 14.07 24.78
C PHE A 479 -11.38 13.53 26.18
N LYS A 480 -11.86 12.29 26.26
CA LYS A 480 -12.02 11.61 27.52
C LYS A 480 -10.63 11.38 28.14
N PRO A 481 -10.54 11.32 29.47
CA PRO A 481 -9.22 11.12 30.10
C PRO A 481 -8.44 9.94 29.57
N GLU A 482 -9.10 8.86 29.17
CA GLU A 482 -8.39 7.71 28.63
C GLU A 482 -7.67 8.05 27.32
N TYR A 483 -8.32 8.81 26.44
CA TYR A 483 -7.76 9.17 25.15
C TYR A 483 -7.02 10.50 25.19
N ALA A 484 -6.99 11.19 26.33
CA ALA A 484 -6.48 12.55 26.36
C ALA A 484 -4.98 12.59 26.08
N ASP A 485 -4.22 11.62 26.59
CA ASP A 485 -2.77 11.66 26.46
C ASP A 485 -2.33 11.56 25.01
N PHE A 486 -3.00 10.72 24.22
CA PHE A 486 -2.58 10.49 22.84
C PHE A 486 -3.26 11.45 21.86
N PHE A 487 -4.54 11.74 22.07
CA PHE A 487 -5.31 12.53 21.11
C PHE A 487 -5.39 13.98 21.56
N ASN A 488 -4.27 14.69 21.34
CA ASN A 488 -4.20 16.13 21.55
C ASN A 488 -3.31 16.71 20.46
N MET A 489 -3.45 18.02 20.26
CA MET A 489 -2.78 18.65 19.11
C MET A 489 -1.27 18.67 19.29
N THR A 490 -0.78 18.71 20.53
CA THR A 490 0.66 18.78 20.75
C THR A 490 1.34 17.47 20.35
N ASN A 491 0.67 16.34 20.54
CA ASN A 491 1.30 15.06 20.21
C ASN A 491 1.08 14.69 18.75
N CYS A 492 -0.06 15.10 18.17
CA CYS A 492 -0.37 14.70 16.81
C CYS A 492 0.58 15.34 15.80
N ARG A 493 1.02 16.57 16.06
CA ARG A 493 2.01 17.20 15.19
C ARG A 493 3.32 16.44 15.20
N TYR A 494 3.77 16.01 16.38
CA TYR A 494 5.01 15.25 16.47
C TYR A 494 4.91 13.92 15.73
N THR A 495 3.77 13.24 15.87
CA THR A 495 3.61 11.93 15.24
C THR A 495 3.63 12.04 13.72
N LEU A 496 3.01 13.09 13.18
CA LEU A 496 2.99 13.27 11.73
C LEU A 496 4.40 13.50 11.18
N GLU A 497 5.21 14.28 11.90
CA GLU A 497 6.58 14.53 11.45
C GLU A 497 7.41 13.26 11.46
N GLU A 498 7.24 12.42 12.47
CA GLU A 498 8.02 11.19 12.58
C GLU A 498 7.61 10.17 11.53
N LEU A 499 6.32 10.11 11.18
CA LEU A 499 5.85 9.14 10.20
C LEU A 499 6.41 9.42 8.82
N ARG A 500 6.70 10.68 8.51
CA ARG A 500 7.26 11.01 7.20
C ARG A 500 8.70 10.54 7.07
N VAL A 501 9.47 10.63 8.16
CA VAL A 501 10.86 10.18 8.11
C VAL A 501 10.94 8.67 8.01
N ILE A 502 10.07 7.96 8.73
CA ILE A 502 10.08 6.50 8.72
C ILE A 502 9.83 5.97 7.32
N ASN A 503 8.96 6.63 6.56
CA ASN A 503 8.68 6.20 5.19
C ASN A 503 9.93 6.29 4.33
N SER A 504 10.72 7.35 4.50
CA SER A 504 11.92 7.52 3.70
C SER A 504 13.04 6.58 4.14
N ILE A 505 13.24 6.43 5.44
CA ILE A 505 14.40 5.70 5.95
C ILE A 505 14.21 4.19 5.89
N ALA A 506 12.98 3.71 5.97
CA ALA A 506 12.74 2.27 6.02
C ALA A 506 12.59 1.63 4.65
N ARG A 507 12.56 2.42 3.58
CA ARG A 507 12.51 1.88 2.23
C ARG A 507 13.88 1.77 1.59
N MET A 508 14.94 2.22 2.28
CA MET A 508 16.27 2.16 1.73
C MET A 508 16.76 0.71 1.68
N GLN A 509 17.72 0.46 0.79
CA GLN A 509 18.18 -0.89 0.55
C GLN A 509 19.01 -1.38 1.74
N LYS A 510 18.65 -2.56 2.24
CA LYS A 510 19.34 -3.13 3.39
C LYS A 510 20.73 -3.61 2.98
N PRO A 511 21.65 -3.73 3.95
CA PRO A 511 23.01 -4.18 3.61
C PRO A 511 23.01 -5.59 3.06
N SER A 512 23.95 -5.84 2.15
CA SER A 512 24.02 -7.12 1.45
C SER A 512 24.41 -8.25 2.39
N ALA A 513 23.88 -9.43 2.13
CA ALA A 513 24.16 -10.62 2.91
C ALA A 513 24.55 -11.76 1.98
N ASP A 514 25.32 -12.71 2.53
CA ASP A 514 25.79 -13.85 1.76
C ASP A 514 24.72 -14.93 1.67
N ALA A 515 24.56 -15.49 0.48
CA ALA A 515 23.59 -16.55 0.27
C ALA A 515 24.09 -17.85 0.90
N ARG A 516 23.13 -18.72 1.24
CA ARG A 516 23.47 -19.98 1.88
C ARG A 516 22.88 -21.18 1.13
N LYS A 517 23.00 -22.37 1.72
CA LYS A 517 22.52 -23.58 1.05
C LYS A 517 21.01 -23.60 0.93
N ILE A 518 20.31 -23.06 1.93
CA ILE A 518 18.85 -23.12 1.93
C ILE A 518 18.27 -22.35 0.75
N MET A 519 18.83 -21.17 0.48
CA MET A 519 18.30 -20.35 -0.61
C MET A 519 18.55 -21.00 -1.97
N TYR A 520 19.68 -21.67 -2.13
CA TYR A 520 19.97 -22.35 -3.40
C TYR A 520 18.98 -23.48 -3.65
N ARG A 521 18.58 -24.18 -2.59
CA ARG A 521 17.59 -25.25 -2.74
C ARG A 521 16.28 -24.72 -3.27
N ASP A 522 15.81 -23.58 -2.73
CA ASP A 522 14.53 -23.03 -3.15
C ASP A 522 14.60 -22.46 -4.55
N ALA A 523 15.76 -21.96 -4.95
CA ALA A 523 15.92 -21.44 -6.31
C ALA A 523 15.75 -22.56 -7.34
N LEU A 524 16.33 -23.73 -7.08
CA LEU A 524 16.19 -24.84 -8.01
C LEU A 524 14.83 -25.51 -7.90
N ARG A 525 14.10 -25.28 -6.80
CA ARG A 525 12.79 -25.88 -6.65
C ARG A 525 11.71 -25.15 -7.43
N ILE A 526 11.99 -23.93 -7.90
CA ILE A 526 11.02 -23.21 -8.73
C ILE A 526 11.21 -23.59 -10.20
N LEU A 527 12.45 -23.57 -10.67
CA LEU A 527 12.78 -23.95 -12.04
C LEU A 527 12.93 -25.47 -12.09
N GLY A 528 11.79 -26.15 -12.08
CA GLY A 528 11.81 -27.59 -11.95
C GLY A 528 12.01 -28.01 -10.50
N MET A 529 12.26 -29.31 -10.33
CA MET A 529 12.54 -29.90 -9.02
C MET A 529 11.49 -29.53 -7.98
N ASP A 530 10.25 -29.85 -8.30
CA ASP A 530 9.13 -29.61 -7.39
C ASP A 530 8.82 -30.91 -6.63
N ASN A 531 8.90 -30.84 -5.31
CA ASN A 531 8.57 -31.95 -4.43
C ASN A 531 9.46 -33.18 -4.71
N ARG A 532 10.76 -32.98 -4.52
CA ARG A 532 11.75 -34.04 -4.65
C ARG A 532 12.65 -34.02 -3.43
N PRO A 533 13.24 -35.17 -3.08
CA PRO A 533 14.01 -35.25 -1.84
C PRO A 533 15.20 -34.30 -1.84
N ASP A 534 15.54 -33.82 -0.64
CA ASP A 534 16.65 -32.89 -0.48
C ASP A 534 17.99 -33.51 -0.88
N GLU A 535 18.12 -34.83 -0.79
CA GLU A 535 19.34 -35.49 -1.23
C GLU A 535 19.55 -35.31 -2.73
N GLU A 536 18.48 -35.43 -3.53
CA GLU A 536 18.62 -35.28 -4.97
C GLU A 536 19.02 -33.85 -5.35
N ILE A 537 18.45 -32.85 -4.68
CA ILE A 537 18.86 -31.47 -4.93
C ILE A 537 20.31 -31.27 -4.54
N ASP A 538 20.73 -31.88 -3.43
CA ASP A 538 22.11 -31.73 -2.97
C ASP A 538 23.11 -32.29 -3.98
N ARG A 539 22.79 -33.45 -4.57
CA ARG A 539 23.72 -34.05 -5.53
C ARG A 539 23.86 -33.19 -6.77
N GLU A 540 22.76 -32.60 -7.24
CA GLU A 540 22.82 -31.73 -8.41
C GLU A 540 23.58 -30.44 -8.11
N LEU A 541 23.53 -29.98 -6.85
CA LEU A 541 24.32 -28.82 -6.46
C LEU A 541 25.81 -29.12 -6.55
N GLU A 542 26.22 -30.33 -6.15
CA GLU A 542 27.63 -30.70 -6.21
C GLU A 542 28.12 -30.80 -7.65
N ARG A 543 27.29 -31.35 -8.54
CA ARG A 543 27.71 -31.58 -9.92
C ARG A 543 27.86 -30.27 -10.68
N THR A 544 26.98 -29.30 -10.44
CA THR A 544 26.97 -28.09 -11.24
C THR A 544 27.76 -26.96 -10.60
N MET A 545 27.71 -26.83 -9.27
CA MET A 545 28.53 -25.86 -8.56
C MET A 545 29.59 -26.63 -7.79
N PRO A 546 30.81 -26.76 -8.31
CA PRO A 546 31.81 -27.61 -7.66
C PRO A 546 32.20 -27.09 -6.28
N VAL A 547 32.47 -28.03 -5.38
CA VAL A 547 32.97 -27.74 -4.04
C VAL A 547 34.20 -28.61 -3.80
N GLY A 548 35.26 -28.01 -3.29
CA GLY A 548 36.50 -28.72 -3.07
C GLY A 548 36.45 -29.63 -1.87
N ALA A 549 37.55 -30.35 -1.67
CA ALA A 549 37.64 -31.31 -0.56
C ALA A 549 37.70 -30.62 0.80
N ASP A 550 38.05 -29.33 0.83
CA ASP A 550 38.16 -28.59 2.08
C ASP A 550 36.97 -27.64 2.30
N GLY A 551 35.83 -27.91 1.67
CA GLY A 551 34.67 -27.07 1.81
C GLY A 551 34.83 -25.67 1.25
N LYS A 552 35.57 -25.53 0.15
CA LYS A 552 35.75 -24.25 -0.52
C LYS A 552 35.46 -24.41 -2.00
N PHE A 553 34.78 -23.42 -2.57
CA PHE A 553 34.41 -23.48 -3.97
C PHE A 553 35.65 -23.44 -4.86
N ILE A 554 35.56 -24.13 -6.00
CA ILE A 554 36.63 -24.11 -6.98
C ILE A 554 36.60 -22.78 -7.72
N LYS A 555 37.76 -22.14 -7.85
CA LYS A 555 37.82 -20.82 -8.46
C LYS A 555 37.47 -20.85 -9.94
N GLY A 556 37.81 -21.94 -10.63
CA GLY A 556 37.64 -22.01 -12.07
C GLY A 556 36.23 -21.79 -12.58
N LYS A 557 35.32 -22.72 -12.29
CA LYS A 557 33.98 -22.72 -12.87
C LYS A 557 32.95 -22.38 -11.80
N GLN A 558 32.42 -21.15 -11.87
CA GLN A 558 31.34 -20.73 -10.97
C GLN A 558 30.30 -19.91 -11.72
N GLY A 559 30.17 -20.08 -13.03
CA GLY A 559 29.26 -19.25 -13.80
C GLY A 559 27.81 -19.48 -13.45
N PHE A 560 27.41 -20.75 -13.29
CA PHE A 560 26.01 -21.06 -13.03
C PHE A 560 25.58 -20.57 -11.65
N ARG A 561 26.45 -20.73 -10.65
CA ARG A 561 26.10 -20.31 -9.30
C ARG A 561 25.88 -18.81 -9.24
N ASN A 562 26.73 -18.04 -9.92
CA ASN A 562 26.57 -16.59 -9.95
C ASN A 562 25.31 -16.20 -10.70
N PHE A 563 24.94 -16.98 -11.72
CA PHE A 563 23.72 -16.69 -12.47
C PHE A 563 22.48 -16.85 -11.59
N ILE A 564 22.45 -17.90 -10.78
CA ILE A 564 21.29 -18.14 -9.92
C ILE A 564 21.24 -17.11 -8.81
N ALA A 565 22.39 -16.80 -8.21
CA ALA A 565 22.41 -15.87 -7.08
C ALA A 565 22.02 -14.46 -7.51
N SER A 566 22.43 -14.05 -8.70
CA SER A 566 22.19 -12.69 -9.16
C SER A 566 20.87 -12.50 -9.89
N ASN A 567 20.14 -13.57 -10.16
CA ASN A 567 18.89 -13.48 -10.93
C ASN A 567 17.68 -14.11 -10.25
N VAL A 568 17.87 -15.05 -9.33
CA VAL A 568 16.74 -15.72 -8.69
C VAL A 568 16.79 -15.50 -7.18
N ILE A 569 17.98 -15.32 -6.63
CA ILE A 569 18.10 -15.12 -5.19
C ILE A 569 17.97 -13.64 -4.81
N GLU A 570 18.52 -12.74 -5.64
CA GLU A 570 18.55 -11.31 -5.35
C GLU A 570 17.44 -10.56 -6.07
N SER A 571 16.28 -11.18 -6.25
CA SER A 571 15.15 -10.54 -6.90
C SER A 571 14.01 -10.37 -5.90
N SER A 572 13.39 -9.20 -5.93
CA SER A 572 12.29 -8.92 -5.00
C SER A 572 11.09 -9.81 -5.25
N ARG A 573 10.91 -10.26 -6.50
CA ARG A 573 9.79 -11.14 -6.80
C ARG A 573 9.94 -12.50 -6.11
N PHE A 574 11.17 -13.01 -6.06
CA PHE A 574 11.41 -14.30 -5.43
C PHE A 574 11.11 -14.26 -3.94
N HIS A 575 11.47 -13.17 -3.27
CA HIS A 575 11.16 -13.03 -1.85
C HIS A 575 9.66 -13.03 -1.62
N TYR A 576 8.90 -12.36 -2.50
CA TYR A 576 7.45 -12.33 -2.37
C TYR A 576 6.85 -13.71 -2.54
N LEU A 577 7.38 -14.50 -3.48
CA LEU A 577 6.83 -15.83 -3.72
C LEU A 577 7.08 -16.76 -2.53
N VAL A 578 8.23 -16.64 -1.88
CA VAL A 578 8.53 -17.51 -0.74
C VAL A 578 7.67 -17.16 0.45
N ARG A 579 7.43 -15.87 0.67
CA ARG A 579 6.70 -15.43 1.86
C ARG A 579 5.22 -15.80 1.77
N TYR A 580 4.59 -15.59 0.61
CA TYR A 580 3.17 -15.77 0.46
C TYR A 580 2.79 -17.04 -0.29
N ASN A 581 3.75 -17.88 -0.65
CA ASN A 581 3.46 -19.09 -1.41
C ASN A 581 4.50 -20.14 -1.05
N ASN A 582 4.42 -21.30 -1.73
CA ASN A 582 5.29 -22.43 -1.45
C ASN A 582 6.11 -22.76 -2.69
N PRO A 583 7.44 -22.79 -2.61
CA PRO A 583 8.24 -23.19 -3.77
C PRO A 583 8.01 -24.62 -4.22
N HIS A 584 7.52 -25.49 -3.34
CA HIS A 584 7.24 -26.87 -3.73
C HIS A 584 6.15 -26.95 -4.79
N LYS A 585 5.13 -26.10 -4.67
CA LYS A 585 3.89 -26.27 -5.40
C LYS A 585 3.54 -25.03 -6.23
N THR A 586 4.54 -24.21 -6.56
CA THR A 586 4.30 -22.94 -7.23
C THR A 586 4.35 -23.04 -8.75
N ARG A 587 4.69 -24.20 -9.30
CA ARG A 587 4.77 -24.34 -10.75
C ARG A 587 3.41 -24.64 -11.40
N THR A 588 2.38 -24.92 -10.60
CA THR A 588 1.07 -25.23 -11.16
C THR A 588 0.44 -24.02 -11.84
N LEU A 589 0.85 -22.81 -11.48
CA LEU A 589 0.21 -21.59 -11.97
C LEU A 589 0.47 -21.32 -13.44
N VAL A 590 1.45 -21.98 -14.05
CA VAL A 590 1.78 -21.76 -15.46
C VAL A 590 1.39 -22.94 -16.33
N LYS A 591 0.55 -23.84 -15.83
CA LYS A 591 0.14 -25.01 -16.59
C LYS A 591 -1.23 -24.85 -17.26
N ASN A 592 -2.04 -23.89 -16.82
CA ASN A 592 -3.33 -23.63 -17.44
C ASN A 592 -3.22 -22.50 -18.43
N PRO A 593 -3.42 -22.73 -19.72
CA PRO A 593 -3.27 -21.64 -20.70
C PRO A 593 -4.23 -20.48 -20.47
N ASN A 594 -5.41 -20.73 -19.92
CA ASN A 594 -6.38 -19.66 -19.70
C ASN A 594 -5.86 -18.64 -18.70
N VAL A 595 -5.23 -19.13 -17.62
CA VAL A 595 -4.71 -18.22 -16.60
C VAL A 595 -3.53 -17.42 -17.13
N VAL A 596 -2.63 -18.07 -17.88
CA VAL A 596 -1.45 -17.37 -18.38
C VAL A 596 -1.84 -16.33 -19.42
N LYS A 597 -2.77 -16.68 -20.32
CA LYS A 597 -3.13 -15.77 -21.39
C LYS A 597 -3.89 -14.55 -20.86
N PHE A 598 -4.62 -14.72 -19.75
CA PHE A 598 -5.29 -13.58 -19.14
C PHE A 598 -4.29 -12.56 -18.61
N VAL A 599 -3.20 -13.03 -17.99
CA VAL A 599 -2.20 -12.12 -17.45
C VAL A 599 -1.46 -11.41 -18.58
N LEU A 600 -1.09 -12.16 -19.63
CA LEU A 600 -0.31 -11.57 -20.71
C LEU A 600 -1.10 -10.55 -21.52
N GLU A 601 -2.42 -10.72 -21.60
CA GLU A 601 -3.23 -9.83 -22.41
C GLU A 601 -3.33 -8.42 -21.82
N GLY A 602 -3.12 -8.29 -20.50
CA GLY A 602 -3.18 -6.98 -19.88
C GLY A 602 -1.95 -6.13 -20.10
N ILE A 603 -0.81 -6.75 -20.36
CA ILE A 603 0.42 -6.00 -20.64
C ILE A 603 0.25 -5.22 -21.93
N PRO A 604 0.70 -3.97 -22.02
CA PRO A 604 0.54 -3.20 -23.26
C PRO A 604 1.32 -3.82 -24.41
N GLU A 605 1.01 -3.33 -25.61
CA GLU A 605 1.62 -3.89 -26.82
C GLU A 605 3.12 -3.61 -26.87
N THR A 606 3.55 -2.44 -26.39
CA THR A 606 4.96 -2.07 -26.47
C THR A 606 5.82 -3.03 -25.66
N GLN A 607 5.37 -3.42 -24.47
CA GLN A 607 6.14 -4.34 -23.65
C GLN A 607 6.08 -5.77 -24.17
N ILE A 608 5.00 -6.14 -24.87
CA ILE A 608 4.91 -7.47 -25.44
C ILE A 608 5.94 -7.66 -26.54
N LYS A 609 6.15 -6.63 -27.35
CA LYS A 609 7.10 -6.73 -28.45
C LYS A 609 8.53 -6.95 -27.94
N ARG A 610 8.91 -6.23 -26.88
CA ARG A 610 10.27 -6.39 -26.34
C ARG A 610 10.47 -7.78 -25.77
N TYR A 611 9.46 -8.32 -25.07
CA TYR A 611 9.55 -9.69 -24.58
C TYR A 611 9.66 -10.68 -25.73
N PHE A 612 8.88 -10.47 -26.79
CA PHE A 612 8.91 -11.37 -27.93
C PHE A 612 10.26 -11.34 -28.64
N ASP A 613 10.83 -10.14 -28.80
CA ASP A 613 12.06 -10.01 -29.58
C ASP A 613 13.25 -10.69 -28.89
N VAL A 614 13.46 -10.40 -27.61
CA VAL A 614 14.62 -10.93 -26.91
C VAL A 614 14.46 -12.43 -26.66
N CYS A 615 13.26 -12.87 -26.28
CA CYS A 615 13.02 -14.25 -25.87
C CYS A 615 12.56 -15.14 -27.01
N LYS A 616 12.64 -14.67 -28.26
CA LYS A 616 12.06 -15.40 -29.39
C LYS A 616 12.70 -16.78 -29.54
N GLY A 617 13.98 -16.81 -29.87
CA GLY A 617 14.63 -18.05 -30.25
C GLY A 617 15.35 -17.89 -31.58
N GLN A 618 15.44 -18.97 -32.35
CA GLN A 618 16.12 -18.95 -33.64
C GLN A 618 15.29 -19.47 -34.80
N GLU A 619 14.18 -20.15 -34.55
CA GLU A 619 13.37 -20.75 -35.61
C GLU A 619 11.93 -20.25 -35.57
N ILE A 620 11.75 -18.97 -35.23
CA ILE A 620 10.44 -18.35 -35.15
C ILE A 620 10.38 -17.18 -36.13
N PRO A 621 9.47 -17.17 -37.10
CA PRO A 621 9.40 -16.06 -38.03
C PRO A 621 8.92 -14.80 -37.33
N PRO A 622 9.31 -13.62 -37.82
CA PRO A 622 8.84 -12.38 -37.20
C PRO A 622 7.40 -12.08 -37.59
N THR A 623 6.59 -11.73 -36.59
CA THR A 623 5.17 -11.47 -36.77
C THR A 623 4.83 -10.11 -36.15
N SER A 624 3.75 -9.51 -36.64
CA SER A 624 3.32 -8.21 -36.15
C SER A 624 2.06 -8.26 -35.31
N ASP A 625 1.20 -9.25 -35.51
CA ASP A 625 -0.05 -9.34 -34.77
C ASP A 625 0.23 -9.66 -33.30
N LYS A 626 -0.59 -9.06 -32.42
CA LYS A 626 -0.41 -9.24 -30.99
C LYS A 626 -0.72 -10.67 -30.55
N SER A 627 -1.80 -11.25 -31.08
CA SER A 627 -2.20 -12.59 -30.66
C SER A 627 -1.14 -13.62 -31.05
N ALA A 628 -0.45 -13.41 -32.17
CA ALA A 628 0.64 -14.30 -32.55
C ALA A 628 1.78 -14.22 -31.55
N GLN A 629 2.06 -13.02 -31.02
CA GLN A 629 3.14 -12.86 -30.06
C GLN A 629 2.82 -13.53 -28.73
N ILE A 630 1.55 -13.47 -28.30
CA ILE A 630 1.18 -14.08 -27.02
C ILE A 630 1.33 -15.59 -27.08
N ASP A 631 1.00 -16.19 -28.23
CA ASP A 631 1.04 -17.64 -28.35
C ASP A 631 2.46 -18.17 -28.18
N VAL A 632 3.45 -17.51 -28.78
CA VAL A 632 4.83 -17.95 -28.65
C VAL A 632 5.31 -17.77 -27.22
N LEU A 633 4.99 -16.63 -26.61
CA LEU A 633 5.43 -16.36 -25.24
C LEU A 633 4.79 -17.33 -24.25
N ALA A 634 3.53 -17.68 -24.48
CA ALA A 634 2.85 -18.61 -23.58
C ALA A 634 3.50 -19.98 -23.59
N ARG A 635 3.94 -20.44 -24.76
CA ARG A 635 4.60 -21.74 -24.85
C ARG A 635 5.96 -21.72 -24.18
N ILE A 636 6.68 -20.60 -24.30
CA ILE A 636 8.02 -20.49 -23.73
C ILE A 636 7.97 -20.59 -22.21
N ILE A 637 7.01 -19.90 -21.59
CA ILE A 637 6.88 -19.94 -20.13
C ILE A 637 6.56 -21.35 -19.67
N SER A 638 5.74 -22.08 -20.44
CA SER A 638 5.30 -23.40 -20.02
C SER A 638 6.46 -24.38 -19.90
N SER A 639 7.41 -24.34 -20.84
CA SER A 639 8.54 -25.26 -20.88
C SER A 639 9.79 -24.52 -20.42
N VAL A 640 10.02 -24.48 -19.12
CA VAL A 640 11.22 -23.89 -18.53
C VAL A 640 11.83 -24.89 -17.57
N ASP A 641 13.11 -25.18 -17.76
CA ASP A 641 13.83 -26.14 -16.95
C ASP A 641 15.19 -25.56 -16.60
N TYR A 642 15.76 -26.00 -15.48
CA TYR A 642 17.04 -25.43 -15.05
C TYR A 642 18.18 -25.91 -15.93
N LYS A 643 17.98 -27.00 -16.68
CA LYS A 643 19.07 -27.58 -17.47
C LYS A 643 19.40 -26.72 -18.68
N ILE A 644 18.45 -25.91 -19.14
CA ILE A 644 18.71 -25.05 -20.29
C ILE A 644 19.79 -24.02 -19.96
N PHE A 645 19.81 -23.54 -18.72
CA PHE A 645 20.71 -22.48 -18.28
C PHE A 645 22.03 -23.01 -17.76
N GLU A 646 22.32 -24.30 -17.94
CA GLU A 646 23.52 -24.88 -17.37
C GLU A 646 24.79 -24.38 -18.05
N ASP A 647 24.69 -23.84 -19.26
CA ASP A 647 25.83 -23.30 -20.00
C ASP A 647 25.53 -21.83 -20.30
N VAL A 648 25.91 -20.96 -19.38
CA VAL A 648 25.71 -19.51 -19.56
C VAL A 648 27.07 -18.84 -19.68
N PRO A 649 27.26 -17.93 -20.62
CA PRO A 649 28.50 -17.14 -20.66
C PRO A 649 28.47 -16.02 -19.63
N GLN A 650 28.54 -16.40 -18.36
CA GLN A 650 28.47 -15.44 -17.27
C GLN A 650 29.66 -14.47 -17.29
N SER A 651 30.80 -14.91 -17.82
CA SER A 651 31.98 -14.06 -17.86
C SER A 651 31.85 -12.93 -18.87
N ALA A 652 30.88 -13.01 -19.78
CA ALA A 652 30.70 -11.97 -20.78
C ALA A 652 30.11 -10.72 -20.14
N LYS A 653 30.35 -9.58 -20.80
CA LYS A 653 29.88 -8.29 -20.33
C LYS A 653 28.90 -7.71 -21.34
N ILE A 654 27.75 -7.25 -20.85
CA ILE A 654 26.69 -6.70 -21.69
C ILE A 654 26.80 -5.18 -21.66
N ASN A 655 26.80 -4.57 -22.85
CA ASN A 655 26.89 -3.13 -22.99
C ASN A 655 25.48 -2.59 -23.20
N LYS A 656 24.97 -1.86 -22.20
CA LYS A 656 23.65 -1.26 -22.29
C LYS A 656 23.67 0.15 -22.89
N ASP A 657 24.84 0.71 -23.14
CA ASP A 657 24.92 2.05 -23.72
C ASP A 657 24.82 1.99 -25.25
N ASP A 658 25.68 1.18 -25.88
CA ASP A 658 25.65 1.00 -27.33
C ASP A 658 25.26 -0.45 -27.62
N PRO A 659 24.02 -0.72 -27.98
CA PRO A 659 23.58 -2.12 -28.19
C PRO A 659 24.10 -2.75 -29.46
N SER A 660 24.92 -2.05 -30.25
CA SER A 660 25.48 -2.63 -31.47
C SER A 660 26.83 -3.28 -31.25
N ARG A 661 27.43 -3.16 -30.06
CA ARG A 661 28.69 -3.81 -29.75
C ARG A 661 28.51 -5.17 -29.08
N ASN A 662 27.28 -5.63 -28.95
CA ASN A 662 27.03 -6.96 -28.39
C ASN A 662 27.25 -8.03 -29.46
N PHE A 663 27.72 -9.20 -29.01
CA PHE A 663 28.05 -10.28 -29.94
C PHE A 663 27.33 -11.57 -29.56
N SER A 664 27.75 -12.68 -30.17
CA SER A 664 27.00 -13.92 -30.02
C SER A 664 26.95 -14.40 -28.57
N ASP A 665 28.06 -14.31 -27.86
CA ASP A 665 28.09 -14.76 -26.47
C ASP A 665 27.27 -13.84 -25.58
N ALA A 666 27.33 -12.53 -25.83
CA ALA A 666 26.60 -11.58 -24.99
C ALA A 666 25.09 -11.71 -25.20
N LEU A 667 24.65 -11.90 -26.43
CA LEU A 667 23.21 -11.96 -26.71
C LEU A 667 22.58 -13.19 -26.09
N LYS A 668 23.33 -14.29 -26.00
CA LYS A 668 22.81 -15.49 -25.37
C LYS A 668 22.52 -15.27 -23.90
N LYS A 669 23.37 -14.50 -23.23
CA LYS A 669 23.15 -14.18 -21.81
C LYS A 669 21.88 -13.36 -21.63
N GLN A 670 21.61 -12.43 -22.55
CA GLN A 670 20.41 -11.61 -22.43
C GLN A 670 19.14 -12.44 -22.52
N ARG A 671 19.13 -13.45 -23.41
CA ARG A 671 17.94 -14.30 -23.53
C ARG A 671 17.61 -14.98 -22.22
N TYR A 672 18.62 -15.49 -21.53
CA TYR A 672 18.37 -16.33 -20.37
C TYR A 672 17.86 -15.51 -19.19
N GLN A 673 18.39 -14.32 -18.96
CA GLN A 673 17.89 -13.52 -17.84
C GLN A 673 16.57 -12.85 -18.19
N ALA A 674 16.24 -12.74 -19.48
CA ALA A 674 14.93 -12.21 -19.85
C ALA A 674 13.83 -13.25 -19.66
N ILE A 675 14.15 -14.52 -19.91
CA ILE A 675 13.17 -15.59 -19.72
C ILE A 675 12.84 -15.75 -18.25
N VAL A 676 13.86 -15.71 -17.38
CA VAL A 676 13.64 -15.92 -15.95
C VAL A 676 12.81 -14.79 -15.36
N SER A 677 13.05 -13.56 -15.80
CA SER A 677 12.27 -12.43 -15.29
C SER A 677 10.79 -12.57 -15.67
N LEU A 678 10.52 -13.00 -16.90
CA LEU A 678 9.14 -13.23 -17.31
C LEU A 678 8.52 -14.38 -16.51
N TYR A 679 9.31 -15.42 -16.25
CA TYR A 679 8.82 -16.58 -15.51
C TYR A 679 8.39 -16.21 -14.09
N LEU A 680 9.21 -15.40 -13.41
CA LEU A 680 8.89 -15.04 -12.02
C LEU A 680 7.81 -13.97 -11.96
N THR A 681 7.76 -13.09 -12.96
CA THR A 681 6.80 -11.98 -12.93
C THR A 681 5.36 -12.48 -12.99
N VAL A 682 5.10 -13.48 -13.84
CA VAL A 682 3.73 -13.96 -14.02
C VAL A 682 3.19 -14.56 -12.73
N MET A 683 4.01 -15.39 -12.06
CA MET A 683 3.59 -15.94 -10.77
C MET A 683 3.39 -14.84 -9.73
N TYR A 684 4.28 -13.86 -9.71
CA TYR A 684 4.22 -12.80 -8.71
C TYR A 684 2.94 -12.00 -8.85
N LEU A 685 2.51 -11.75 -10.08
CA LEU A 685 1.31 -10.93 -10.30
C LEU A 685 0.05 -11.67 -9.86
N ILE A 686 -0.01 -12.98 -10.12
CA ILE A 686 -1.19 -13.75 -9.73
C ILE A 686 -1.30 -13.84 -8.21
N THR A 687 -0.17 -14.13 -7.54
CA THR A 687 -0.17 -14.23 -6.09
C THR A 687 -0.50 -12.89 -5.44
N LYS A 688 0.05 -11.80 -5.97
CA LYS A 688 -0.15 -10.49 -5.37
C LYS A 688 -1.62 -10.07 -5.44
N ASN A 689 -2.28 -10.32 -6.58
CA ASN A 689 -3.64 -9.83 -6.75
C ASN A 689 -4.64 -10.63 -5.95
N LEU A 690 -4.35 -11.91 -5.69
CA LEU A 690 -5.24 -12.72 -4.86
C LEU A 690 -5.23 -12.23 -3.42
N VAL A 691 -4.08 -11.75 -2.95
CA VAL A 691 -4.01 -11.19 -1.59
C VAL A 691 -4.79 -9.89 -1.51
N TYR A 692 -4.75 -9.08 -2.57
CA TYR A 692 -5.46 -7.80 -2.57
C TYR A 692 -6.97 -8.00 -2.42
N VAL A 693 -7.52 -8.99 -3.12
CA VAL A 693 -8.96 -9.25 -3.01
C VAL A 693 -9.30 -9.75 -1.62
N ASN A 694 -8.45 -10.62 -1.05
CA ASN A 694 -8.74 -11.18 0.27
C ASN A 694 -8.79 -10.11 1.35
N SER A 695 -7.86 -9.16 1.31
CA SER A 695 -7.77 -8.15 2.36
C SER A 695 -8.99 -7.26 2.38
N ARG A 696 -9.68 -7.14 1.24
CA ARG A 696 -10.87 -6.28 1.19
C ARG A 696 -12.06 -6.97 1.84
N TYR A 697 -11.95 -8.27 2.10
CA TYR A 697 -12.98 -8.97 2.86
C TYR A 697 -12.66 -8.99 4.35
N VAL A 698 -11.40 -8.80 4.71
CA VAL A 698 -11.04 -8.65 6.12
C VAL A 698 -11.63 -7.36 6.68
N ILE A 699 -11.69 -6.32 5.85
CA ILE A 699 -12.25 -5.04 6.29
C ILE A 699 -13.72 -5.20 6.66
N ALA A 700 -14.47 -5.93 5.83
CA ALA A 700 -15.90 -6.11 6.09
C ALA A 700 -16.15 -6.85 7.39
N PHE A 701 -15.37 -7.90 7.66
CA PHE A 701 -15.57 -8.67 8.88
C PHE A 701 -15.08 -7.91 10.11
N HIS A 702 -14.03 -7.10 9.95
CA HIS A 702 -13.56 -6.27 11.04
C HIS A 702 -14.60 -5.22 11.43
N CYS A 703 -15.28 -4.65 10.42
CA CYS A 703 -16.30 -3.64 10.70
C CYS A 703 -17.55 -4.25 11.34
N LEU A 704 -17.89 -5.48 10.96
CA LEU A 704 -19.10 -6.11 11.49
C LEU A 704 -19.00 -6.33 12.99
N GLU A 705 -17.85 -6.79 13.47
CA GLU A 705 -17.69 -7.01 14.91
C GLU A 705 -17.72 -5.70 15.67
N ARG A 706 -17.15 -4.64 15.08
CA ARG A 706 -17.14 -3.34 15.73
C ARG A 706 -18.56 -2.78 15.86
N ASP A 707 -19.36 -2.90 14.82
CA ASP A 707 -20.69 -2.30 14.82
C ASP A 707 -21.69 -3.08 15.67
N ALA A 708 -21.50 -4.39 15.82
CA ALA A 708 -22.41 -5.17 16.64
C ALA A 708 -22.34 -4.74 18.10
N PHE A 709 -21.13 -4.48 18.62
CA PHE A 709 -20.98 -4.09 20.00
C PHE A 709 -21.63 -2.74 20.28
N LEU A 710 -21.45 -1.76 19.38
CA LEU A 710 -22.03 -0.45 19.59
C LEU A 710 -23.55 -0.48 19.54
N HIS A 711 -24.11 -1.23 18.58
CA HIS A 711 -25.57 -1.32 18.44
C HIS A 711 -26.21 -2.19 19.50
N GLY A 712 -25.43 -2.90 20.31
CA GLY A 712 -25.98 -3.72 21.36
C GLY A 712 -26.49 -5.08 20.93
N VAL A 713 -25.99 -5.62 19.83
CA VAL A 713 -26.42 -6.91 19.30
C VAL A 713 -25.29 -7.90 19.46
N THR A 714 -25.60 -9.04 20.09
CA THR A 714 -24.62 -10.11 20.29
C THR A 714 -24.80 -11.18 19.21
N LEU A 715 -23.69 -11.82 18.87
CA LEU A 715 -23.70 -12.84 17.82
C LEU A 715 -23.88 -14.21 18.46
N PRO A 716 -25.00 -14.89 18.22
CA PRO A 716 -25.27 -16.14 18.94
C PRO A 716 -24.43 -17.30 18.43
N LYS A 717 -24.58 -18.43 19.11
CA LYS A 717 -23.93 -19.68 18.75
C LYS A 717 -24.98 -20.79 18.62
N MET A 718 -24.81 -21.63 17.59
CA MET A 718 -25.73 -22.75 17.39
C MET A 718 -24.96 -23.87 16.71
N ASN A 719 -24.91 -25.04 17.36
CA ASN A 719 -24.07 -26.16 16.92
C ASN A 719 -22.61 -25.73 16.78
N LYS A 720 -22.14 -24.94 17.75
CA LYS A 720 -20.75 -24.48 17.81
C LYS A 720 -20.38 -23.67 16.57
N LYS A 721 -21.33 -22.96 15.98
CA LYS A 721 -21.11 -22.06 14.87
C LYS A 721 -21.43 -20.64 15.30
N ILE A 722 -21.07 -19.68 14.46
CA ILE A 722 -21.34 -18.27 14.73
C ILE A 722 -22.27 -17.74 13.66
N VAL A 723 -23.41 -17.21 14.08
CA VAL A 723 -24.43 -16.70 13.16
C VAL A 723 -24.06 -15.25 12.88
N TYR A 724 -23.30 -15.02 11.82
CA TYR A 724 -22.89 -13.68 11.45
C TYR A 724 -24.02 -12.86 10.85
N SER A 725 -25.18 -13.47 10.60
CA SER A 725 -26.31 -12.79 9.98
C SER A 725 -27.32 -12.29 11.00
N GLN A 726 -26.91 -12.11 12.26
CA GLN A 726 -27.84 -11.64 13.28
C GLN A 726 -28.06 -10.14 13.19
N LEU A 727 -27.03 -9.38 12.81
CA LEU A 727 -27.17 -7.93 12.77
C LEU A 727 -28.10 -7.48 11.65
N THR A 728 -28.06 -8.16 10.50
CA THR A 728 -28.92 -7.78 9.40
C THR A 728 -30.39 -8.12 9.67
N THR A 729 -30.63 -9.18 10.45
CA THR A 729 -31.99 -9.52 10.82
C THR A 729 -32.53 -8.56 11.87
N HIS A 730 -31.70 -8.19 12.84
CA HIS A 730 -32.15 -7.30 13.91
C HIS A 730 -32.50 -5.92 13.38
N LEU A 731 -31.70 -5.40 12.45
CA LEU A 731 -31.93 -4.07 11.92
C LEU A 731 -33.02 -4.03 10.85
N LEU A 732 -33.51 -5.19 10.41
CA LEU A 732 -34.62 -5.21 9.46
C LEU A 732 -35.96 -4.99 10.15
N THR A 733 -36.01 -5.12 11.48
CA THR A 733 -37.23 -4.94 12.25
C THR A 733 -37.03 -3.90 13.35
N ASP A 734 -36.32 -2.82 13.03
CA ASP A 734 -36.09 -1.72 13.96
C ASP A 734 -36.73 -0.46 13.41
N LYS A 735 -37.51 0.21 14.25
CA LYS A 735 -38.29 1.36 13.79
C LYS A 735 -37.39 2.51 13.35
N ASN A 736 -36.33 2.78 14.11
CA ASN A 736 -35.46 3.90 13.79
C ASN A 736 -34.67 3.66 12.51
N TYR A 737 -34.13 2.45 12.34
CA TYR A 737 -33.30 2.17 11.18
C TYR A 737 -34.09 2.11 9.88
N THR A 738 -35.39 1.84 9.95
CA THR A 738 -36.22 1.76 8.76
C THR A 738 -36.78 3.12 8.33
N THR A 739 -36.43 4.19 9.05
CA THR A 739 -36.80 5.55 8.67
C THR A 739 -35.61 6.42 8.32
N TYR A 740 -34.49 6.27 9.03
CA TYR A 740 -33.29 7.08 8.82
C TYR A 740 -32.06 6.18 8.65
N GLY A 741 -32.17 5.13 7.85
CA GLY A 741 -31.10 4.17 7.71
C GLY A 741 -30.90 3.76 6.26
N HIS A 742 -29.90 2.89 6.06
CA HIS A 742 -29.65 2.32 4.73
C HIS A 742 -30.85 1.52 4.24
N LEU A 743 -31.42 0.68 5.10
CA LEU A 743 -32.57 -0.15 4.74
C LEU A 743 -33.84 0.62 5.08
N LYS A 744 -34.39 1.31 4.09
CA LYS A 744 -35.57 2.14 4.29
C LYS A 744 -36.80 1.43 3.76
N ASN A 745 -37.87 1.45 4.54
CA ASN A 745 -39.16 0.86 4.15
C ASN A 745 -40.18 1.99 4.14
N GLN A 746 -40.22 2.71 3.02
CA GLN A 746 -41.17 3.80 2.81
C GLN A 746 -41.58 3.80 1.34
N LYS A 747 -42.69 4.49 1.06
CA LYS A 747 -43.21 4.55 -0.30
C LYS A 747 -42.28 5.39 -1.17
N GLY A 748 -41.67 4.75 -2.15
CA GLY A 748 -40.74 5.41 -3.06
C GLY A 748 -39.27 5.12 -2.79
N HIS A 749 -38.93 4.55 -1.64
CA HIS A 749 -37.56 4.21 -1.31
C HIS A 749 -37.50 2.82 -0.68
N ARG A 750 -38.15 1.85 -1.32
CA ARG A 750 -38.30 0.50 -0.79
C ARG A 750 -37.68 -0.50 -1.76
N LYS A 751 -36.47 -0.22 -2.22
CA LYS A 751 -35.80 -1.10 -3.18
C LYS A 751 -34.89 -2.09 -2.48
N TRP A 752 -33.92 -1.59 -1.70
CA TRP A 752 -32.93 -2.48 -1.10
C TRP A 752 -33.46 -3.17 0.14
N TYR A 753 -34.61 -2.71 0.65
CA TYR A 753 -35.26 -3.42 1.76
C TYR A 753 -35.78 -4.77 1.30
N VAL A 754 -36.32 -4.82 0.07
CA VAL A 754 -36.89 -6.06 -0.44
C VAL A 754 -35.79 -7.04 -0.86
N LEU A 755 -34.78 -6.55 -1.57
CA LEU A 755 -33.74 -7.44 -2.10
C LEU A 755 -32.97 -8.12 -0.98
N VAL A 756 -32.61 -7.39 0.06
CA VAL A 756 -31.88 -7.99 1.17
C VAL A 756 -32.75 -8.99 1.90
N LYS A 757 -34.04 -8.69 2.05
CA LYS A 757 -34.95 -9.64 2.67
C LYS A 757 -35.10 -10.91 1.85
N ASN A 758 -35.19 -10.77 0.52
CA ASN A 758 -35.31 -11.93 -0.35
C ASN A 758 -34.05 -12.78 -0.30
N ASN A 759 -32.88 -12.16 -0.38
CA ASN A 759 -31.62 -12.90 -0.36
C ASN A 759 -31.32 -13.49 1.01
N LEU A 760 -31.92 -12.96 2.07
CA LEU A 760 -31.73 -13.52 3.40
C LEU A 760 -32.35 -14.90 3.53
N GLN A 761 -33.31 -15.25 2.67
CA GLN A 761 -33.96 -16.55 2.71
C GLN A 761 -33.20 -17.61 1.93
N ASN A 762 -32.09 -17.25 1.29
CA ASN A 762 -31.31 -18.16 0.45
C ASN A 762 -29.90 -18.34 0.99
N SER A 763 -29.76 -18.48 2.31
CA SER A 763 -28.44 -18.50 2.93
C SER A 763 -28.27 -19.76 3.77
N ASP A 764 -27.01 -20.18 3.91
CA ASP A 764 -26.61 -21.30 4.74
C ASP A 764 -25.78 -20.79 5.90
N ILE A 765 -26.11 -21.24 7.11
CA ILE A 765 -25.30 -20.88 8.27
C ILE A 765 -23.92 -21.50 8.18
N THR A 766 -23.84 -22.74 7.71
CA THR A 766 -22.54 -23.40 7.55
C THR A 766 -21.70 -22.71 6.49
N ALA A 767 -22.32 -22.31 5.37
CA ALA A 767 -21.56 -21.67 4.30
C ALA A 767 -21.00 -20.33 4.73
N VAL A 768 -21.78 -19.53 5.45
CA VAL A 768 -21.31 -18.23 5.90
C VAL A 768 -20.17 -18.39 6.90
N SER A 769 -20.31 -19.33 7.83
CA SER A 769 -19.25 -19.55 8.83
C SER A 769 -17.97 -20.05 8.16
N SER A 770 -18.11 -20.92 7.15
CA SER A 770 -16.92 -21.44 6.47
C SER A 770 -16.21 -20.32 5.70
N PHE A 771 -16.96 -19.37 5.16
CA PHE A 771 -16.35 -18.25 4.45
C PHE A 771 -15.48 -17.41 5.38
N ALA A 772 -15.93 -17.20 6.61
CA ALA A 772 -15.18 -16.38 7.56
C ALA A 772 -13.83 -17.02 7.87
N ASN A 773 -13.81 -18.34 8.05
CA ASN A 773 -12.55 -19.02 8.33
C ASN A 773 -11.60 -18.97 7.14
N ILE A 774 -12.15 -19.00 5.92
CA ILE A 774 -11.33 -18.92 4.72
C ILE A 774 -10.61 -17.58 4.64
N VAL A 775 -11.33 -16.50 4.92
CA VAL A 775 -10.75 -15.16 4.80
C VAL A 775 -9.69 -14.94 5.85
N ALA A 776 -9.92 -15.42 7.08
CA ALA A 776 -8.99 -15.17 8.16
C ALA A 776 -7.63 -15.83 7.91
N ALA A 777 -7.62 -17.05 7.40
CA ALA A 777 -6.37 -17.79 7.20
C ALA A 777 -5.79 -17.63 5.80
N ILE A 778 -6.44 -16.87 4.93
CA ILE A 778 -6.03 -16.71 3.53
C ILE A 778 -5.78 -18.08 2.93
N SER A 779 -6.82 -18.92 2.87
CA SER A 779 -6.68 -20.26 2.35
C SER A 779 -6.82 -20.33 0.83
N VAL A 780 -7.26 -19.24 0.19
CA VAL A 780 -7.34 -19.21 -1.26
C VAL A 780 -5.94 -19.22 -1.86
N VAL A 781 -5.04 -18.38 -1.33
CA VAL A 781 -3.68 -18.31 -1.85
C VAL A 781 -2.93 -19.60 -1.56
N ARG A 782 -3.07 -20.14 -0.34
CA ARG A 782 -2.31 -21.31 0.05
C ARG A 782 -2.77 -22.55 -0.71
N ASN A 783 -4.07 -22.81 -0.74
CA ASN A 783 -4.61 -23.99 -1.40
C ASN A 783 -5.11 -23.65 -2.81
N SER A 784 -4.20 -23.12 -3.63
CA SER A 784 -4.53 -22.74 -5.00
C SER A 784 -3.91 -23.65 -6.04
N ASN A 785 -3.18 -24.69 -5.64
CA ASN A 785 -2.59 -25.63 -6.57
C ASN A 785 -3.52 -26.80 -6.89
N GLU A 786 -4.62 -26.94 -6.17
CA GLU A 786 -5.53 -28.07 -6.36
C GLU A 786 -6.75 -27.73 -7.18
N TYR A 787 -6.99 -26.45 -7.47
CA TYR A 787 -8.22 -26.04 -8.15
C TYR A 787 -7.98 -25.06 -9.29
N ILE A 788 -6.73 -24.77 -9.65
CA ILE A 788 -6.46 -23.84 -10.74
C ILE A 788 -6.30 -24.55 -12.08
N SER A 789 -6.39 -25.87 -12.11
CA SER A 789 -6.20 -26.65 -13.33
C SER A 789 -7.50 -26.89 -14.09
N GLY A 790 -8.62 -26.35 -13.62
CA GLY A 790 -9.88 -26.61 -14.28
C GLY A 790 -10.79 -25.41 -14.47
N ILE A 791 -10.21 -24.23 -14.68
CA ILE A 791 -10.98 -23.01 -14.87
C ILE A 791 -11.16 -22.78 -16.37
N GLY A 792 -12.37 -22.40 -16.78
CA GLY A 792 -12.70 -22.34 -18.19
C GLY A 792 -12.22 -21.10 -18.91
N GLU A 793 -12.76 -19.94 -18.54
CA GLU A 793 -12.40 -18.68 -19.18
C GLU A 793 -12.37 -17.59 -18.13
N LEU A 794 -11.35 -16.74 -18.17
CA LEU A 794 -11.14 -15.71 -17.18
C LEU A 794 -11.27 -14.33 -17.81
N HIS A 795 -11.88 -13.41 -17.08
CA HIS A 795 -11.96 -12.01 -17.49
C HIS A 795 -11.61 -11.03 -16.39
N SER A 796 -11.53 -11.47 -15.13
CA SER A 796 -11.14 -10.60 -14.03
C SER A 796 -10.58 -11.46 -12.90
N TYR A 797 -9.86 -10.81 -11.99
CA TYR A 797 -9.38 -11.50 -10.80
C TYR A 797 -10.53 -11.79 -9.84
N PHE A 798 -11.64 -11.06 -9.95
CA PHE A 798 -12.81 -11.32 -9.13
C PHE A 798 -13.36 -12.71 -9.39
N GLU A 799 -13.42 -13.11 -10.66
CA GLU A 799 -13.96 -14.42 -11.02
C GLU A 799 -13.03 -15.54 -10.52
N LEU A 800 -11.73 -15.35 -10.63
CA LEU A 800 -10.79 -16.38 -10.20
C LEU A 800 -10.86 -16.60 -8.70
N TYR A 801 -11.00 -15.53 -7.92
CA TYR A 801 -11.07 -15.67 -6.47
C TYR A 801 -12.31 -16.47 -6.06
N HIS A 802 -13.45 -16.19 -6.68
CA HIS A 802 -14.68 -16.83 -6.26
C HIS A 802 -14.84 -18.24 -6.83
N TYR A 803 -14.17 -18.53 -7.95
CA TYR A 803 -14.13 -19.90 -8.42
C TYR A 803 -13.40 -20.80 -7.43
N LEU A 804 -12.31 -20.30 -6.85
CA LEU A 804 -11.55 -21.09 -5.89
C LEU A 804 -12.34 -21.28 -4.60
N VAL A 805 -13.07 -20.25 -4.17
CA VAL A 805 -13.84 -20.34 -2.93
C VAL A 805 -14.93 -21.38 -3.06
N GLN A 806 -15.64 -21.38 -4.19
CA GLN A 806 -16.77 -22.28 -4.36
C GLN A 806 -16.32 -23.70 -4.63
N SER A 807 -15.08 -23.90 -5.06
CA SER A 807 -14.56 -25.25 -5.24
C SER A 807 -14.18 -25.88 -3.90
N MET A 808 -13.65 -25.07 -2.98
CA MET A 808 -13.31 -25.59 -1.66
C MET A 808 -14.54 -26.04 -0.89
N ILE A 809 -15.63 -25.28 -1.02
CA ILE A 809 -16.86 -25.62 -0.30
C ILE A 809 -17.44 -26.93 -0.84
N ALA A 810 -17.37 -27.13 -2.15
CA ALA A 810 -17.94 -28.33 -2.75
C ALA A 810 -17.16 -29.58 -2.36
N LYS A 811 -15.83 -29.52 -2.40
CA LYS A 811 -15.02 -30.71 -2.14
C LYS A 811 -15.05 -31.11 -0.67
N ASN A 812 -14.97 -30.13 0.23
CA ASN A 812 -14.93 -30.41 1.66
C ASN A 812 -16.31 -30.59 2.27
N ASN A 813 -17.37 -30.49 1.47
CA ASN A 813 -18.75 -30.65 1.96
C ASN A 813 -19.05 -29.66 3.08
N TRP A 814 -18.78 -28.39 2.82
CA TRP A 814 -19.05 -27.32 3.78
C TRP A 814 -20.38 -26.63 3.47
N TYR A 815 -21.46 -27.41 3.57
CA TYR A 815 -22.81 -26.89 3.38
C TYR A 815 -23.80 -27.86 3.99
N ASP A 816 -25.06 -27.44 4.02
CA ASP A 816 -26.14 -28.25 4.59
C ASP A 816 -27.35 -28.16 3.67
N THR A 817 -27.57 -29.21 2.87
CA THR A 817 -28.71 -29.22 1.97
C THR A 817 -30.03 -29.48 2.68
N SER A 818 -29.99 -30.06 3.89
CA SER A 818 -31.22 -30.32 4.61
C SER A 818 -31.93 -29.03 5.00
N HIS A 819 -31.18 -28.04 5.48
CA HIS A 819 -31.76 -26.78 5.90
C HIS A 819 -32.00 -25.80 4.76
N GLN A 820 -31.46 -26.08 3.58
CA GLN A 820 -31.66 -25.19 2.44
C GLN A 820 -31.55 -25.95 1.13
N PRO A 821 -32.66 -26.20 0.44
CA PRO A 821 -32.62 -26.96 -0.82
C PRO A 821 -32.15 -26.15 -2.02
N LYS A 822 -31.63 -24.94 -1.84
CA LYS A 822 -31.15 -24.15 -2.98
C LYS A 822 -29.65 -24.24 -3.17
N THR A 823 -28.89 -24.66 -2.16
CA THR A 823 -27.45 -24.76 -2.31
C THR A 823 -27.06 -25.89 -3.26
N ALA A 824 -27.97 -26.85 -3.49
CA ALA A 824 -27.70 -27.89 -4.47
C ALA A 824 -27.74 -27.34 -5.89
N GLU A 825 -28.67 -26.43 -6.16
CA GLU A 825 -28.77 -25.85 -7.50
C GLU A 825 -27.54 -25.03 -7.86
N TYR A 826 -26.99 -24.29 -6.88
CA TYR A 826 -25.81 -23.48 -7.14
C TYR A 826 -24.60 -24.34 -7.48
N LEU A 827 -24.42 -25.47 -6.79
CA LEU A 827 -23.25 -26.31 -7.03
C LEU A 827 -23.31 -26.98 -8.40
N ASN A 828 -24.51 -27.35 -8.85
CA ASN A 828 -24.65 -27.95 -10.17
C ASN A 828 -24.26 -26.95 -11.26
N ASN A 829 -24.62 -25.68 -11.08
CA ASN A 829 -24.27 -24.67 -12.08
C ASN A 829 -22.77 -24.48 -12.17
N LEU A 830 -22.07 -24.57 -11.03
CA LEU A 830 -20.62 -24.39 -11.04
C LEU A 830 -19.91 -25.51 -11.79
N LYS A 831 -20.32 -26.76 -11.54
CA LYS A 831 -19.62 -27.90 -12.12
C LYS A 831 -19.91 -28.02 -13.62
N LYS A 832 -21.11 -27.64 -14.04
CA LYS A 832 -21.49 -27.79 -15.44
C LYS A 832 -20.82 -26.73 -16.33
N HIS A 833 -20.76 -25.48 -15.88
CA HIS A 833 -20.26 -24.39 -16.70
C HIS A 833 -18.79 -24.09 -16.49
N HIS A 834 -18.14 -24.70 -15.49
CA HIS A 834 -16.73 -24.47 -15.19
C HIS A 834 -16.45 -22.99 -14.92
N THR A 835 -17.36 -22.33 -14.21
CA THR A 835 -17.22 -20.93 -13.85
C THR A 835 -18.13 -20.66 -12.65
N TYR A 836 -17.78 -19.63 -11.88
CA TYR A 836 -18.47 -19.35 -10.63
C TYR A 836 -19.92 -18.96 -10.88
N CYS A 837 -20.72 -19.04 -9.81
CA CYS A 837 -22.14 -18.73 -9.86
C CYS A 837 -22.40 -17.37 -9.23
N LYS A 838 -23.16 -16.53 -9.93
CA LYS A 838 -23.39 -15.17 -9.47
C LYS A 838 -24.40 -15.11 -8.34
N ASP A 839 -25.32 -16.06 -8.26
CA ASP A 839 -26.33 -16.02 -7.21
C ASP A 839 -25.83 -16.62 -5.91
N PHE A 840 -24.70 -17.32 -5.96
CA PHE A 840 -24.16 -17.92 -4.74
C PHE A 840 -23.25 -16.94 -3.99
N VAL A 841 -22.69 -15.96 -4.70
CA VAL A 841 -21.89 -14.95 -4.02
C VAL A 841 -22.79 -14.04 -3.19
N LYS A 842 -24.07 -13.95 -3.55
CA LYS A 842 -25.01 -13.13 -2.79
C LYS A 842 -25.53 -13.85 -1.56
N ALA A 843 -25.28 -15.16 -1.45
CA ALA A 843 -25.80 -15.92 -0.32
C ALA A 843 -24.89 -15.81 0.88
N TYR A 844 -23.58 -15.99 0.69
CA TYR A 844 -22.65 -16.01 1.81
C TYR A 844 -22.00 -14.65 2.06
N CYS A 845 -22.43 -13.60 1.36
CA CYS A 845 -22.00 -12.24 1.63
C CYS A 845 -23.13 -11.38 2.19
N ILE A 846 -24.19 -12.01 2.67
CA ILE A 846 -25.36 -11.31 3.20
C ILE A 846 -25.10 -10.66 4.56
N PRO A 847 -24.20 -11.17 5.46
CA PRO A 847 -24.04 -10.50 6.75
C PRO A 847 -23.53 -9.06 6.65
N PHE A 848 -23.21 -8.60 5.44
CA PHE A 848 -22.84 -7.21 5.20
C PHE A 848 -23.97 -6.43 4.54
N GLY A 849 -25.21 -6.87 4.72
CA GLY A 849 -26.33 -6.25 4.02
C GLY A 849 -26.85 -4.98 4.63
N TYR A 850 -26.52 -4.69 5.89
CA TYR A 850 -26.96 -3.46 6.52
C TYR A 850 -26.27 -2.22 5.95
N VAL A 851 -25.19 -2.40 5.19
CA VAL A 851 -24.53 -1.32 4.48
C VAL A 851 -24.62 -1.66 2.99
N VAL A 852 -25.51 -0.97 2.29
CA VAL A 852 -25.79 -1.25 0.88
C VAL A 852 -24.57 -0.99 -0.01
N PRO A 853 -23.86 0.14 0.12
CA PRO A 853 -22.71 0.36 -0.78
C PRO A 853 -21.65 -0.73 -0.69
N ARG A 854 -21.41 -1.26 0.49
CA ARG A 854 -20.43 -2.34 0.64
C ARG A 854 -20.96 -3.66 0.07
N TYR A 855 -22.26 -3.91 0.26
CA TYR A 855 -22.85 -5.14 -0.26
C TYR A 855 -22.81 -5.16 -1.78
N LYS A 856 -23.15 -4.04 -2.42
CA LYS A 856 -23.15 -3.98 -3.88
C LYS A 856 -21.75 -4.14 -4.45
N ASN A 857 -20.75 -3.51 -3.82
CA ASN A 857 -19.39 -3.57 -4.34
C ASN A 857 -18.83 -4.98 -4.31
N LEU A 858 -19.13 -5.74 -3.26
CA LEU A 858 -18.54 -7.05 -3.07
C LEU A 858 -19.32 -8.18 -3.73
N THR A 859 -20.47 -7.90 -4.32
CA THR A 859 -21.27 -8.94 -4.97
C THR A 859 -21.48 -8.69 -6.47
N ILE A 860 -21.00 -7.57 -6.99
CA ILE A 860 -21.13 -7.24 -8.41
C ILE A 860 -19.74 -7.03 -8.99
N ASN A 861 -19.45 -7.72 -10.09
CA ASN A 861 -18.10 -7.67 -10.66
C ASN A 861 -17.78 -6.29 -11.22
N GLU A 862 -18.77 -5.59 -11.78
CA GLU A 862 -18.51 -4.33 -12.44
C GLU A 862 -18.04 -3.26 -11.46
N LEU A 863 -18.63 -3.23 -10.26
CA LEU A 863 -18.33 -2.18 -9.30
C LEU A 863 -17.23 -2.54 -8.31
N PHE A 864 -16.65 -3.75 -8.40
CA PHE A 864 -15.65 -4.15 -7.41
C PHE A 864 -14.37 -3.34 -7.54
N ASP A 865 -13.84 -3.20 -8.75
CA ASP A 865 -12.53 -2.62 -8.96
C ASP A 865 -12.65 -1.13 -9.28
N ARG A 866 -11.84 -0.34 -8.57
CA ARG A 866 -11.84 1.10 -8.80
C ARG A 866 -11.21 1.48 -10.14
N ASN A 867 -10.24 0.70 -10.60
CA ASN A 867 -9.50 1.02 -11.81
C ASN A 867 -10.10 0.41 -13.06
N ASN A 868 -11.13 -0.43 -12.94
CA ASN A 868 -11.80 -1.06 -14.08
C ASN A 868 -13.29 -0.88 -13.94
N PRO A 869 -13.80 0.31 -14.25
CA PRO A 869 -15.25 0.56 -14.10
C PRO A 869 -16.03 0.21 -15.36
N ASN A 870 -17.16 -0.45 -15.15
CA ASN A 870 -18.04 -0.88 -16.22
C ASN A 870 -19.48 -0.62 -15.82
N PRO A 871 -20.38 -0.43 -16.78
CA PRO A 871 -21.79 -0.20 -16.44
C PRO A 871 -22.40 -1.39 -15.71
N GLU A 872 -23.29 -1.09 -14.78
CA GLU A 872 -23.97 -2.13 -14.01
C GLU A 872 -24.98 -2.85 -14.89
N PRO A 873 -25.00 -4.17 -14.93
CA PRO A 873 -25.89 -4.90 -15.83
C PRO A 873 -27.30 -4.99 -15.27
N LYS A 874 -28.22 -4.27 -15.91
CA LYS A 874 -29.63 -4.30 -15.52
C LYS A 874 -30.31 -5.55 -16.09
N GLU A 875 -31.14 -6.17 -15.28
CA GLU A 875 -31.86 -7.38 -15.69
C GLU A 875 -33.04 -7.65 -14.78
#